data_7F9V
#
_entry.id   7F9V
#
_cell.length_a   77.067
_cell.length_b   82.981
_cell.length_c   105.521
_cell.angle_alpha   90.000
_cell.angle_beta   103.080
_cell.angle_gamma   90.000
#
_symmetry.space_group_name_H-M   'P 1 21 1'
#
loop_
_entity.id
_entity.type
_entity.pdbx_description
1 polymer 'Prolyl-tRNA synthetase (ProRS)'
2 non-polymer 4-[(3S)-3-cyano-3-(1-methylcyclopropyl)-2-oxidanylidene-pyrrolidin-1-yl]-N-[[3-fluoranyl-5-(1-methylpyrazol-4-yl)phenyl]methyl]-6-methyl-pyridine-2-carboxamide
3 non-polymer 7-bromo-6-chloro-3-{3-[(2R,3S)-3-hydroxypiperidin-2-yl]-2-oxopropyl}quinazolin-4(3H)-one
4 non-polymer '2-(N-MORPHOLINO)-ETHANESULFONIC ACID'
5 non-polymer BETA-MERCAPTOETHANOL
6 non-polymer 'BROMIDE ION'
7 non-polymer 'IODIDE ION'
8 non-polymer 'FLUORIDE ION'
9 non-polymer GLYCEROL
10 water water
#
_entity_poly.entity_id   1
_entity_poly.type   'polypeptide(L)'
_entity_poly.pdbx_seq_one_letter_code
;GAMVTAKKDENFSEWYTQAIVRSEMIEYYDISGCYIMRPWAFHIWEKVQRFFDDEIKKMGVENSYFPMFVSRHKLEKEKD
HVEGFSPEVAWVTHYGDSPLPEKIAIRPTSETIMYPAYAKWIRSHRDLPLKLNQWCSVVRWEFKQPTPFLRTREFLWQEG
HTAHATEEEAWELVLDILELYRRWYEECLAVPVIKGEKSEGEKFAGGKKTTTVEAFIPENGRGIQAATSHLLGTNFAKMF
EIEFEDEEGHKRLVHQTSWGCTTRSLGVMIMTHGDDKGLVIPPRVASVQVVIIPILFKDENTGEILGKCRELKTMLEKAD
IRVRIDDRSNYTPGWKYNHWEVKGVPLRLELGPKDLAKGTARVVRRDTGEAYQISWADLAPKLLELMEGIQRSLFEKAKA
RLHEGIEKISTFDEVMPALNRKHLVLAPWCEDPESEEQIKKETQKLSEIQAIEAGDSEQVMTGAMKTLCIPFDQPPMPEG
TKCFYTGKPAKRWTLWGRSY
;
_entity_poly.pdbx_strand_id   A,B
#
# COMPACT_ATOMS: atom_id res chain seq x y z
N THR A 5 33.19 -2.72 15.08
CA THR A 5 31.85 -2.17 15.26
C THR A 5 31.91 -0.76 15.87
N ALA A 6 31.26 0.20 15.22
CA ALA A 6 31.29 1.59 15.66
C ALA A 6 30.41 1.80 16.89
N LYS A 7 30.84 2.71 17.77
CA LYS A 7 30.07 3.10 18.93
C LYS A 7 29.25 4.34 18.61
N LYS A 8 28.01 4.35 19.10
CA LYS A 8 27.08 5.42 18.76
C LYS A 8 27.61 6.80 19.15
N ASP A 9 28.33 6.91 20.26
CA ASP A 9 28.77 8.20 20.75
C ASP A 9 30.16 8.58 20.23
N GLU A 10 30.70 7.84 19.28
CA GLU A 10 32.02 8.15 18.72
C GLU A 10 31.91 8.51 17.24
N ASN A 11 31.51 7.59 16.37
CA ASN A 11 31.35 7.87 14.94
C ASN A 11 29.90 7.57 14.61
N PHE A 12 29.05 8.57 14.76
CA PHE A 12 27.61 8.36 14.66
C PHE A 12 27.20 7.81 13.30
N SER A 13 27.75 8.37 12.22
CA SER A 13 27.31 7.96 10.89
C SER A 13 27.64 6.51 10.62
N GLU A 14 28.85 6.06 10.98
CA GLU A 14 29.18 4.67 10.75
C GLU A 14 28.41 3.75 11.69
N TRP A 15 28.14 4.20 12.92
CA TRP A 15 27.26 3.43 13.80
C TRP A 15 25.90 3.22 13.14
N TYR A 16 25.34 4.27 12.55
CA TYR A 16 24.02 4.18 11.94
C TYR A 16 24.02 3.23 10.73
N THR A 17 25.02 3.38 9.88
CA THR A 17 25.18 2.47 8.74
C THR A 17 25.26 1.00 9.19
N GLN A 18 26.11 0.72 10.17
CA GLN A 18 26.24 -0.65 10.67
C GLN A 18 24.95 -1.14 11.31
N ALA A 19 24.25 -0.25 12.02
CA ALA A 19 23.02 -0.66 12.68
C ALA A 19 21.97 -1.06 11.67
N ILE A 20 21.83 -0.29 10.59
CA ILE A 20 20.74 -0.61 9.67
C ILE A 20 21.11 -1.74 8.72
N VAL A 21 22.41 -1.97 8.49
CA VAL A 21 22.80 -3.12 7.68
C VAL A 21 22.75 -4.41 8.50
N ARG A 22 23.34 -4.38 9.69
CA ARG A 22 23.46 -5.58 10.54
C ARG A 22 22.09 -6.09 10.97
N SER A 23 21.11 -5.20 11.15
CA SER A 23 19.78 -5.61 11.56
C SER A 23 18.90 -6.02 10.39
N GLU A 24 19.42 -5.98 9.17
CA GLU A 24 18.72 -6.43 7.97
C GLU A 24 17.55 -5.50 7.64
N MET A 25 17.73 -4.23 7.85
CA MET A 25 16.72 -3.28 7.48
C MET A 25 16.85 -2.71 6.11
N ILE A 26 18.06 -2.47 5.65
CA ILE A 26 18.26 -1.89 4.34
C ILE A 26 19.27 -2.72 3.56
N GLU A 27 19.20 -2.59 2.25
CA GLU A 27 20.20 -3.12 1.34
C GLU A 27 20.54 -2.00 0.36
N TYR A 28 21.83 -1.86 0.04
CA TYR A 28 22.23 -0.82 -0.88
C TYR A 28 21.88 -1.20 -2.32
N TYR A 29 21.89 -0.19 -3.18
CA TYR A 29 21.38 -0.26 -4.53
C TYR A 29 22.32 0.54 -5.42
N ASP A 30 22.38 0.19 -6.70
CA ASP A 30 23.34 0.86 -7.57
C ASP A 30 22.90 2.27 -7.96
N ILE A 31 21.60 2.57 -7.92
CA ILE A 31 21.15 3.92 -8.22
C ILE A 31 21.22 4.77 -6.96
N SER A 32 22.07 5.79 -6.99
CA SER A 32 22.38 6.55 -5.80
C SER A 32 21.14 7.24 -5.24
N GLY A 33 21.02 7.28 -3.92
CA GLY A 33 19.90 7.90 -3.26
C GLY A 33 18.71 6.98 -3.04
N CYS A 34 18.74 5.77 -3.60
CA CYS A 34 17.69 4.77 -3.42
C CYS A 34 18.25 3.60 -2.64
N TYR A 35 17.42 3.02 -1.78
CA TYR A 35 17.79 1.86 -0.99
C TYR A 35 16.66 0.86 -1.05
N ILE A 36 16.99 -0.40 -0.81
CA ILE A 36 16.01 -1.46 -0.67
C ILE A 36 15.55 -1.51 0.78
N MET A 37 14.24 -1.49 0.99
CA MET A 37 13.70 -1.65 2.34
C MET A 37 13.41 -3.13 2.57
N ARG A 38 14.24 -3.78 3.37
CA ARG A 38 14.10 -5.20 3.63
C ARG A 38 12.95 -5.46 4.59
N PRO A 39 12.49 -6.71 4.69
CA PRO A 39 11.29 -7.02 5.49
C PRO A 39 11.35 -6.56 6.93
N TRP A 40 12.53 -6.63 7.56
CA TRP A 40 12.60 -6.27 8.98
C TRP A 40 12.23 -4.81 9.17
N ALA A 41 12.66 -3.93 8.27
CA ALA A 41 12.22 -2.54 8.32
C ALA A 41 10.75 -2.40 7.92
N PHE A 42 10.34 -3.17 6.91
CA PHE A 42 8.98 -3.03 6.39
C PHE A 42 7.94 -3.40 7.44
N HIS A 43 8.25 -4.32 8.36
CA HIS A 43 7.31 -4.66 9.44
C HIS A 43 6.97 -3.43 10.29
N ILE A 44 7.98 -2.61 10.60
CA ILE A 44 7.72 -1.42 11.41
C ILE A 44 6.87 -0.43 10.63
N TRP A 45 7.20 -0.26 9.35
CA TRP A 45 6.39 0.57 8.48
C TRP A 45 4.95 0.10 8.46
N GLU A 46 4.72 -1.22 8.36
CA GLU A 46 3.35 -1.72 8.33
C GLU A 46 2.61 -1.41 9.61
N LYS A 47 3.31 -1.43 10.74
CA LYS A 47 2.67 -1.12 12.03
C LYS A 47 2.21 0.34 12.08
N VAL A 48 3.10 1.28 11.75
CA VAL A 48 2.67 2.68 11.85
C VAL A 48 1.67 3.02 10.74
N GLN A 49 1.81 2.39 9.58
CA GLN A 49 0.83 2.60 8.51
C GLN A 49 -0.55 2.14 8.94
N ARG A 50 -0.64 0.97 9.55
CA ARG A 50 -1.95 0.50 10.00
C ARG A 50 -2.52 1.43 11.06
N PHE A 51 -1.69 1.86 12.03
CA PHE A 51 -2.16 2.80 13.03
C PHE A 51 -2.77 4.04 12.39
N PHE A 52 -1.99 4.70 11.53
CA PHE A 52 -2.44 5.96 10.95
C PHE A 52 -3.64 5.77 10.04
N ASP A 53 -3.62 4.71 9.22
CA ASP A 53 -4.73 4.43 8.31
C ASP A 53 -6.03 4.20 9.08
N ASP A 54 -5.98 3.40 10.15
CA ASP A 54 -7.17 3.21 10.97
C ASP A 54 -7.68 4.54 11.55
N GLU A 55 -6.75 5.38 12.03
CA GLU A 55 -7.20 6.63 12.65
C GLU A 55 -7.80 7.60 11.62
N ILE A 56 -7.21 7.71 10.42
CA ILE A 56 -7.83 8.66 9.49
C ILE A 56 -9.13 8.09 8.94
N LYS A 57 -9.28 6.77 8.87
CA LYS A 57 -10.58 6.24 8.46
C LYS A 57 -11.66 6.59 9.49
N LYS A 58 -11.31 6.65 10.78
CA LYS A 58 -12.29 7.11 11.77
C LYS A 58 -12.72 8.56 11.53
N MET A 59 -11.87 9.37 10.89
CA MET A 59 -12.21 10.76 10.56
C MET A 59 -12.97 10.88 9.24
N GLY A 60 -13.25 9.77 8.56
CA GLY A 60 -13.89 9.82 7.26
C GLY A 60 -12.95 10.04 6.09
N VAL A 61 -11.65 9.86 6.26
CA VAL A 61 -10.76 9.96 5.11
C VAL A 61 -10.78 8.64 4.36
N GLU A 62 -10.92 8.70 3.04
CA GLU A 62 -10.92 7.51 2.21
C GLU A 62 -9.63 7.46 1.37
N ASN A 63 -9.09 6.24 1.21
CA ASN A 63 -7.91 6.07 0.38
C ASN A 63 -8.30 6.05 -1.11
N SER A 64 -7.31 6.32 -1.94
CA SER A 64 -7.46 6.51 -3.38
C SER A 64 -6.10 6.24 -3.99
N TYR A 65 -6.04 6.23 -5.33
CA TYR A 65 -4.74 6.14 -6.01
C TYR A 65 -4.76 6.99 -7.27
N PHE A 66 -3.89 8.00 -7.31
CA PHE A 66 -3.71 8.90 -8.43
C PHE A 66 -2.44 8.52 -9.20
N PRO A 67 -2.35 8.83 -10.50
CA PRO A 67 -1.19 8.40 -11.29
C PRO A 67 0.12 8.99 -10.79
N MET A 68 1.20 8.27 -11.07
CA MET A 68 2.55 8.71 -10.73
C MET A 68 3.12 9.74 -11.70
N PHE A 69 2.50 9.94 -12.87
CA PHE A 69 2.97 10.89 -13.87
C PHE A 69 2.08 12.13 -13.92
N VAL A 70 2.70 13.26 -14.24
CA VAL A 70 1.97 14.50 -14.43
C VAL A 70 2.55 15.25 -15.65
N SER A 71 1.65 15.85 -16.42
CA SER A 71 2.00 16.58 -17.63
C SER A 71 2.78 17.85 -17.30
N ARG A 72 3.56 18.33 -18.28
CA ARG A 72 4.36 19.53 -18.07
C ARG A 72 3.46 20.71 -17.73
N HIS A 73 2.40 20.92 -18.51
CA HIS A 73 1.55 22.09 -18.31
C HIS A 73 0.81 22.00 -16.98
N LYS A 74 0.44 20.79 -16.56
CA LYS A 74 -0.24 20.66 -15.27
C LYS A 74 0.74 20.83 -14.12
N LEU A 75 1.98 20.31 -14.28
CA LEU A 75 2.96 20.43 -13.21
C LEU A 75 3.38 21.89 -12.99
N GLU A 76 3.59 22.60 -14.06
CA GLU A 76 4.02 23.96 -13.97
C GLU A 76 2.89 24.93 -14.07
N LYS A 77 1.83 24.69 -13.35
CA LYS A 77 0.68 25.55 -13.36
C LYS A 77 1.02 26.99 -12.96
N GLU A 78 1.87 27.17 -11.97
CA GLU A 78 2.34 28.49 -11.53
C GLU A 78 3.60 29.00 -12.23
N PHE A 85 12.18 24.44 -7.23
CA PHE A 85 11.78 23.04 -7.11
C PHE A 85 12.01 22.29 -8.42
N SER A 86 11.77 22.99 -9.54
CA SER A 86 11.94 22.43 -10.89
C SER A 86 13.18 21.56 -11.07
N PRO A 87 14.39 21.94 -10.59
CA PRO A 87 15.56 21.06 -10.78
C PRO A 87 15.44 19.69 -10.12
N GLU A 88 14.51 19.51 -9.17
CA GLU A 88 14.41 18.25 -8.45
C GLU A 88 13.41 17.28 -9.06
N VAL A 89 12.83 17.58 -10.21
CA VAL A 89 11.79 16.75 -10.82
C VAL A 89 12.40 15.84 -11.87
N ALA A 90 12.14 14.54 -11.75
CA ALA A 90 12.59 13.56 -12.74
C ALA A 90 11.65 13.56 -13.95
N TRP A 91 12.23 13.64 -15.15
CA TRP A 91 11.46 13.77 -16.37
C TRP A 91 11.56 12.50 -17.21
N VAL A 92 10.42 11.94 -17.59
CA VAL A 92 10.34 10.83 -18.54
C VAL A 92 10.19 11.42 -19.93
N THR A 93 11.16 11.13 -20.81
CA THR A 93 11.17 11.71 -22.15
C THR A 93 11.05 10.67 -23.27
N HIS A 94 11.19 9.39 -22.98
CA HIS A 94 11.20 8.39 -24.03
C HIS A 94 10.48 7.12 -23.58
N TYR A 95 9.74 6.52 -24.52
CA TYR A 95 9.19 5.18 -24.35
C TYR A 95 9.90 4.29 -25.34
N GLY A 96 10.60 3.27 -24.83
CA GLY A 96 11.52 2.54 -25.69
C GLY A 96 12.57 3.51 -26.23
N ASP A 97 12.63 3.64 -27.55
CA ASP A 97 13.50 4.63 -28.20
C ASP A 97 12.73 5.79 -28.80
N SER A 98 11.40 5.77 -28.73
CA SER A 98 10.59 6.86 -29.25
C SER A 98 10.53 7.99 -28.22
N PRO A 99 10.81 9.23 -28.60
CA PRO A 99 10.60 10.35 -27.67
C PRO A 99 9.12 10.65 -27.57
N LEU A 100 8.66 10.92 -26.35
CA LEU A 100 7.31 11.41 -26.18
C LEU A 100 7.17 12.74 -26.90
N PRO A 101 5.98 13.06 -27.41
CA PRO A 101 5.76 14.42 -27.93
C PRO A 101 6.14 15.48 -26.92
N GLU A 102 5.68 15.31 -25.67
CA GLU A 102 6.01 16.19 -24.56
C GLU A 102 6.44 15.35 -23.36
N LYS A 103 7.44 15.84 -22.65
CA LYS A 103 7.96 15.11 -21.50
C LYS A 103 6.92 15.10 -20.38
N ILE A 104 6.98 14.05 -19.54
CA ILE A 104 6.11 13.91 -18.39
C ILE A 104 6.96 13.66 -17.15
N ALA A 105 6.49 14.16 -16.01
CA ALA A 105 7.27 14.12 -14.78
C ALA A 105 6.73 13.07 -13.83
N ILE A 106 7.63 12.52 -13.01
CA ILE A 106 7.25 11.67 -11.89
C ILE A 106 6.89 12.56 -10.71
N ARG A 107 5.84 12.19 -10.00
CA ARG A 107 5.37 12.96 -8.89
C ARG A 107 6.35 13.18 -7.77
N PRO A 108 6.55 14.44 -7.42
CA PRO A 108 7.31 14.77 -6.23
C PRO A 108 6.36 14.97 -5.01
N THR A 109 5.11 15.21 -5.33
CA THR A 109 3.93 15.40 -4.55
C THR A 109 2.74 15.47 -5.53
N SER A 110 1.53 15.35 -5.05
CA SER A 110 0.41 15.22 -5.93
C SER A 110 -0.60 16.33 -6.12
N GLU A 111 -0.29 17.53 -5.65
CA GLU A 111 -1.22 18.65 -5.79
C GLU A 111 -1.68 18.92 -7.21
N THR A 112 -0.75 18.89 -8.15
CA THR A 112 -1.05 19.21 -9.53
C THR A 112 -1.78 18.12 -10.21
N ILE A 113 -1.77 16.95 -9.63
CA ILE A 113 -2.48 15.78 -10.16
C ILE A 113 -3.88 15.68 -9.59
N MET A 114 -4.04 15.95 -8.31
CA MET A 114 -5.32 15.78 -7.61
C MET A 114 -6.24 16.98 -7.72
N TYR A 115 -5.69 18.19 -7.67
CA TYR A 115 -6.58 19.33 -7.51
C TYR A 115 -7.42 19.65 -8.76
N PRO A 116 -6.94 19.39 -9.99
CA PRO A 116 -7.87 19.50 -11.14
C PRO A 116 -9.07 18.58 -11.03
N ALA A 117 -8.83 17.37 -10.51
CA ALA A 117 -9.92 16.45 -10.23
C ALA A 117 -10.85 16.98 -9.14
N TYR A 118 -10.29 17.54 -8.07
CA TYR A 118 -11.10 18.20 -7.04
C TYR A 118 -12.01 19.26 -7.65
N ALA A 119 -11.44 20.09 -8.53
CA ALA A 119 -12.24 21.16 -9.14
C ALA A 119 -13.41 20.58 -9.92
N LYS A 120 -13.21 19.43 -10.56
CA LYS A 120 -14.30 18.80 -11.28
C LYS A 120 -15.32 18.15 -10.34
N TRP A 121 -14.86 17.52 -9.25
CA TRP A 121 -15.73 16.72 -8.41
C TRP A 121 -16.57 17.57 -7.46
N ILE A 122 -16.09 18.75 -7.08
CA ILE A 122 -16.78 19.57 -6.08
C ILE A 122 -17.66 20.58 -6.81
N ARG A 123 -18.96 20.50 -6.54
CA ARG A 123 -19.92 21.43 -7.13
C ARG A 123 -20.84 22.09 -6.10
N SER A 124 -21.22 21.36 -5.07
CA SER A 124 -22.20 21.82 -4.11
C SER A 124 -21.63 21.62 -2.71
N HIS A 125 -22.14 22.40 -1.76
CA HIS A 125 -21.85 22.13 -0.36
C HIS A 125 -22.16 20.68 0.01
N ARG A 126 -23.04 20.02 -0.74
CA ARG A 126 -23.34 18.61 -0.54
C ARG A 126 -22.17 17.69 -0.88
N ASP A 127 -21.14 18.20 -1.54
CA ASP A 127 -19.95 17.41 -1.85
C ASP A 127 -18.87 17.55 -0.79
N LEU A 128 -19.10 18.34 0.26
CA LEU A 128 -18.07 18.66 1.21
C LEU A 128 -18.43 18.13 2.59
N PRO A 129 -17.44 17.76 3.41
CA PRO A 129 -16.01 17.82 3.07
C PRO A 129 -15.58 16.68 2.17
N LEU A 130 -14.56 16.92 1.34
CA LEU A 130 -13.95 15.87 0.55
C LEU A 130 -12.61 15.55 1.21
N LYS A 131 -12.42 14.29 1.60
CA LYS A 131 -11.23 13.91 2.36
C LYS A 131 -10.61 12.70 1.71
N LEU A 132 -9.43 12.86 1.07
CA LEU A 132 -8.79 11.70 0.45
C LEU A 132 -7.34 11.58 0.94
N ASN A 133 -6.84 10.35 0.84
CA ASN A 133 -5.46 10.04 1.22
C ASN A 133 -4.94 9.06 0.19
N GLN A 134 -3.63 9.05 -0.03
CA GLN A 134 -3.05 7.91 -0.73
C GLN A 134 -1.71 7.55 -0.13
N TRP A 135 -1.44 6.24 -0.09
CA TRP A 135 -0.15 5.67 0.25
C TRP A 135 0.59 5.42 -1.06
N CYS A 136 1.76 6.03 -1.25
CA CYS A 136 2.50 5.74 -2.47
C CYS A 136 3.95 6.12 -2.24
N SER A 137 4.74 6.14 -3.31
CA SER A 137 6.08 6.69 -3.22
C SER A 137 6.16 7.93 -4.10
N VAL A 138 7.12 8.79 -3.77
CA VAL A 138 7.40 9.97 -4.57
C VAL A 138 8.90 10.07 -4.75
N VAL A 139 9.30 10.95 -5.66
CA VAL A 139 10.67 11.04 -6.15
C VAL A 139 11.07 12.51 -6.12
N ARG A 140 12.18 12.80 -5.44
CA ARG A 140 12.76 14.13 -5.42
C ARG A 140 14.24 13.95 -5.68
N TRP A 141 14.68 14.33 -6.88
CA TRP A 141 15.99 13.93 -7.41
C TRP A 141 17.03 15.00 -7.09
N GLU A 142 17.39 15.07 -5.83
CA GLU A 142 18.43 15.98 -5.39
C GLU A 142 19.80 15.35 -5.62
N PHE A 143 20.73 16.13 -6.17
CA PHE A 143 22.12 15.71 -6.36
C PHE A 143 22.94 16.10 -5.12
N LYS A 144 22.54 15.51 -4.00
CA LYS A 144 23.23 15.67 -2.73
C LYS A 144 23.29 14.29 -2.08
N GLN A 145 24.18 14.16 -1.10
CA GLN A 145 24.41 12.84 -0.52
C GLN A 145 23.22 12.40 0.31
N PRO A 146 22.67 11.22 0.05
CA PRO A 146 21.49 10.75 0.79
C PRO A 146 21.86 10.21 2.17
N THR A 147 20.85 10.06 2.99
CA THR A 147 20.96 9.40 4.28
C THR A 147 19.86 8.35 4.30
N PRO A 148 20.18 7.08 4.51
CA PRO A 148 19.14 6.05 4.54
C PRO A 148 18.01 6.46 5.48
N PHE A 149 16.78 6.22 5.03
CA PHE A 149 15.52 6.62 5.66
C PHE A 149 15.31 8.14 5.71
N LEU A 150 16.30 8.90 6.17
CA LEU A 150 16.06 10.31 6.48
C LEU A 150 15.95 11.18 5.24
N ARG A 151 16.82 10.98 4.25
CA ARG A 151 16.80 11.83 3.05
C ARG A 151 17.19 10.95 1.86
N THR A 152 16.21 10.59 1.05
CA THR A 152 16.40 9.64 -0.05
C THR A 152 15.67 10.17 -1.29
N ARG A 153 16.14 9.71 -2.46
CA ARG A 153 15.59 10.21 -3.72
C ARG A 153 14.20 9.65 -4.01
N GLU A 154 13.92 8.42 -3.62
CA GLU A 154 12.57 7.88 -3.63
C GLU A 154 12.18 7.54 -2.20
N PHE A 155 10.96 7.87 -1.82
CA PHE A 155 10.54 7.38 -0.51
C PHE A 155 9.06 7.12 -0.50
N LEU A 156 8.67 6.20 0.38
CA LEU A 156 7.27 5.91 0.68
C LEU A 156 6.66 6.95 1.60
N TRP A 157 5.40 7.27 1.40
CA TRP A 157 4.70 8.17 2.24
C TRP A 157 3.21 8.04 2.12
N GLN A 158 2.52 8.78 2.90
CA GLN A 158 1.12 9.01 2.67
C GLN A 158 0.97 10.50 2.53
N GLU A 159 0.09 10.92 1.65
CA GLU A 159 -0.30 12.32 1.49
C GLU A 159 -1.82 12.39 1.54
N GLY A 160 -2.33 13.16 2.49
CA GLY A 160 -3.75 13.45 2.59
C GLY A 160 -4.04 14.87 2.10
N HIS A 161 -5.21 15.02 1.48
CA HIS A 161 -5.64 16.28 0.89
C HIS A 161 -7.14 16.41 1.13
N THR A 162 -7.55 17.46 1.83
CA THR A 162 -8.97 17.64 2.16
C THR A 162 -9.46 19.02 1.71
N ALA A 163 -10.77 19.12 1.56
CA ALA A 163 -11.46 20.33 1.13
C ALA A 163 -12.72 20.50 1.95
N HIS A 164 -12.96 21.72 2.44
CA HIS A 164 -14.00 22.01 3.41
C HIS A 164 -14.72 23.30 3.02
N ALA A 165 -15.97 23.42 3.52
CA ALA A 165 -16.75 24.62 3.25
C ALA A 165 -16.22 25.83 4.01
N THR A 166 -15.56 25.63 5.17
CA THR A 166 -15.13 26.75 6.00
C THR A 166 -13.68 26.58 6.45
N GLU A 167 -13.05 27.72 6.76
CA GLU A 167 -11.68 27.71 7.25
C GLU A 167 -11.60 27.08 8.64
N GLU A 168 -12.61 27.30 9.47
CA GLU A 168 -12.58 26.76 10.84
C GLU A 168 -12.52 25.23 10.82
N GLU A 169 -13.30 24.61 9.93
CA GLU A 169 -13.32 23.15 9.81
C GLU A 169 -11.99 22.62 9.30
N ALA A 170 -11.46 23.26 8.24
CA ALA A 170 -10.16 22.87 7.71
C ALA A 170 -9.09 22.94 8.79
N TRP A 171 -9.08 24.02 9.58
CA TRP A 171 -8.06 24.19 10.60
C TRP A 171 -8.19 23.13 11.70
N GLU A 172 -9.43 22.82 12.10
CA GLU A 172 -9.62 21.73 13.05
C GLU A 172 -9.06 20.42 12.52
N LEU A 173 -9.23 20.17 11.22
CA LEU A 173 -8.67 18.93 10.66
C LEU A 173 -7.14 18.96 10.64
N VAL A 174 -6.56 20.11 10.27
CA VAL A 174 -5.09 20.28 10.34
C VAL A 174 -4.57 19.86 11.70
N LEU A 175 -5.20 20.37 12.75
CA LEU A 175 -4.74 20.10 14.11
C LEU A 175 -5.00 18.65 14.55
N ASP A 176 -6.15 18.08 14.14
CA ASP A 176 -6.40 16.65 14.42
C ASP A 176 -5.35 15.76 13.76
N ILE A 177 -5.00 16.05 12.50
CA ILE A 177 -3.99 15.24 11.83
C ILE A 177 -2.63 15.39 12.52
N LEU A 178 -2.27 16.63 12.90
CA LEU A 178 -1.00 16.84 13.57
C LEU A 178 -0.92 16.06 14.88
N GLU A 179 -2.05 15.97 15.60
CA GLU A 179 -2.10 15.14 16.79
C GLU A 179 -1.93 13.65 16.44
N LEU A 180 -2.48 13.19 15.31
CA LEU A 180 -2.19 11.82 14.88
C LEU A 180 -0.69 11.63 14.60
N TYR A 181 -0.03 12.64 14.04
CA TYR A 181 1.41 12.49 13.81
C TYR A 181 2.16 12.46 15.14
N ARG A 182 1.74 13.30 16.10
CA ARG A 182 2.31 13.19 17.45
C ARG A 182 2.18 11.75 17.96
N ARG A 183 1.00 11.15 17.77
CA ARG A 183 0.80 9.78 18.27
C ARG A 183 1.66 8.76 17.49
N TRP A 184 1.75 8.92 16.17
CA TRP A 184 2.64 8.11 15.34
C TRP A 184 4.05 8.07 15.93
N TYR A 185 4.60 9.24 16.26
CA TYR A 185 5.98 9.24 16.77
C TYR A 185 6.04 8.86 18.25
N GLU A 186 5.21 9.47 19.08
CA GLU A 186 5.34 9.36 20.53
C GLU A 186 4.72 8.09 21.09
N GLU A 187 3.53 7.72 20.59
CA GLU A 187 2.85 6.53 21.11
C GLU A 187 3.31 5.25 20.41
N CYS A 188 3.60 5.29 19.12
CA CYS A 188 4.07 4.06 18.48
C CYS A 188 5.58 3.93 18.53
N LEU A 189 6.29 4.93 18.03
CA LEU A 189 7.73 4.85 17.88
C LEU A 189 8.49 5.29 19.14
N ALA A 190 7.78 5.79 20.16
CA ALA A 190 8.39 6.25 21.42
C ALA A 190 9.41 7.36 21.18
N VAL A 191 9.20 8.17 20.14
CA VAL A 191 10.06 9.28 19.80
C VAL A 191 9.37 10.57 20.21
N PRO A 192 9.95 11.37 21.10
CA PRO A 192 9.32 12.65 21.46
C PRO A 192 9.44 13.66 20.33
N VAL A 193 8.37 14.46 20.14
CA VAL A 193 8.35 15.49 19.11
C VAL A 193 7.74 16.77 19.68
N ILE A 194 8.00 17.88 18.99
CA ILE A 194 7.51 19.20 19.38
C ILE A 194 6.57 19.72 18.31
N LYS A 195 5.33 20.03 18.70
CA LYS A 195 4.35 20.64 17.81
C LYS A 195 4.63 22.12 17.67
N GLY A 196 4.54 22.62 16.45
CA GLY A 196 4.74 24.04 16.23
C GLY A 196 4.26 24.47 14.86
N GLU A 197 4.47 25.73 14.56
CA GLU A 197 4.17 26.31 13.26
C GLU A 197 5.49 26.68 12.59
N LYS A 198 5.57 26.46 11.28
CA LYS A 198 6.75 26.88 10.55
C LYS A 198 6.81 28.40 10.39
N SER A 199 8.03 28.94 10.34
CA SER A 199 8.23 30.32 9.95
C SER A 199 7.65 30.61 8.56
N GLU A 200 7.52 31.90 8.24
CA GLU A 200 7.09 32.28 6.90
C GLU A 200 8.06 31.79 5.84
N GLY A 201 9.35 31.75 6.14
CA GLY A 201 10.32 31.29 5.17
C GLY A 201 10.36 29.78 5.00
N GLU A 202 9.95 29.02 6.02
CA GLU A 202 10.02 27.57 5.98
C GLU A 202 8.69 26.91 5.65
N LYS A 203 7.59 27.65 5.66
CA LYS A 203 6.29 27.03 5.42
C LYS A 203 6.14 26.69 3.94
N PHE A 204 5.19 25.79 3.67
CA PHE A 204 4.84 25.45 2.29
C PHE A 204 4.37 26.69 1.55
N ALA A 205 5.11 27.06 0.49
CA ALA A 205 4.74 28.21 -0.30
C ALA A 205 3.37 27.99 -0.93
N GLY A 206 2.56 29.04 -0.97
CA GLY A 206 1.23 28.81 -1.48
C GLY A 206 0.29 28.09 -0.54
N GLY A 207 0.72 27.81 0.70
CA GLY A 207 -0.17 27.49 1.78
C GLY A 207 -0.31 28.70 2.68
N LYS A 208 -1.28 28.62 3.61
CA LYS A 208 -1.53 29.70 4.55
C LYS A 208 -0.71 29.56 5.83
N LYS A 209 -0.72 28.37 6.41
CA LYS A 209 0.01 28.09 7.64
C LYS A 209 0.45 26.64 7.60
N THR A 210 1.71 26.38 7.91
CA THR A 210 2.23 25.02 7.99
C THR A 210 2.47 24.69 9.45
N THR A 211 1.88 23.61 9.92
CA THR A 211 2.19 23.11 11.26
C THR A 211 3.05 21.86 11.11
N THR A 212 3.80 21.57 12.16
CA THR A 212 4.82 20.54 12.06
C THR A 212 4.99 19.87 13.42
N VAL A 213 5.53 18.66 13.40
CA VAL A 213 6.16 18.06 14.57
C VAL A 213 7.63 17.88 14.25
N GLU A 214 8.49 18.29 15.18
CA GLU A 214 9.94 18.26 15.00
C GLU A 214 10.56 17.30 15.99
N ALA A 215 11.58 16.58 15.54
CA ALA A 215 12.38 15.67 16.36
C ALA A 215 13.82 16.17 16.42
N PHE A 216 14.60 15.52 17.29
CA PHE A 216 15.97 15.97 17.54
C PHE A 216 16.88 14.76 17.59
N ILE A 217 18.05 14.87 16.98
CA ILE A 217 19.10 13.84 16.99
C ILE A 217 20.25 14.36 17.83
N PRO A 218 20.35 13.90 19.08
CA PRO A 218 21.37 14.43 20.00
C PRO A 218 22.79 14.20 19.52
N GLU A 219 23.07 13.04 18.92
CA GLU A 219 24.47 12.70 18.65
C GLU A 219 25.11 13.67 17.67
N ASN A 220 24.31 14.28 16.78
CA ASN A 220 24.86 15.30 15.91
C ASN A 220 24.21 16.66 16.11
N GLY A 221 23.33 16.78 17.11
CA GLY A 221 22.70 18.04 17.43
C GLY A 221 21.69 18.56 16.44
N ARG A 222 21.18 17.72 15.55
CA ARG A 222 20.39 18.22 14.42
C ARG A 222 18.89 18.04 14.66
N GLY A 223 18.12 19.09 14.40
CA GLY A 223 16.69 18.92 14.36
C GLY A 223 16.28 18.30 13.03
N ILE A 224 15.11 17.67 13.03
CA ILE A 224 14.59 17.11 11.78
C ILE A 224 13.08 17.16 11.82
N GLN A 225 12.48 17.58 10.72
CA GLN A 225 11.03 17.59 10.62
C GLN A 225 10.51 16.16 10.54
N ALA A 226 9.56 15.83 11.40
CA ALA A 226 9.05 14.48 11.51
C ALA A 226 7.80 14.25 10.66
N ALA A 227 6.92 15.26 10.54
CA ALA A 227 5.70 15.18 9.74
C ALA A 227 5.15 16.61 9.62
N THR A 228 4.15 16.79 8.77
CA THR A 228 3.69 18.15 8.50
C THR A 228 2.20 18.15 8.18
N SER A 229 1.54 19.25 8.52
CA SER A 229 0.09 19.38 8.28
C SER A 229 -0.17 20.83 7.91
N HIS A 230 -0.62 21.08 6.68
CA HIS A 230 -0.77 22.44 6.14
C HIS A 230 -2.23 22.88 6.09
N LEU A 231 -2.47 24.07 6.62
CA LEU A 231 -3.68 24.83 6.28
C LEU A 231 -3.40 25.55 4.97
N LEU A 232 -4.00 25.07 3.89
CA LEU A 232 -3.79 25.76 2.62
C LEU A 232 -4.73 26.92 2.43
N GLY A 233 -5.85 26.93 3.14
CA GLY A 233 -6.76 28.06 2.95
C GLY A 233 -7.43 27.95 1.59
N THR A 234 -7.64 29.10 0.93
CA THR A 234 -8.30 29.16 -0.37
C THR A 234 -7.35 29.40 -1.54
N ASN A 235 -6.03 29.41 -1.30
CA ASN A 235 -5.07 29.76 -2.34
C ASN A 235 -5.08 28.76 -3.50
N PHE A 236 -5.03 27.47 -3.18
CA PHE A 236 -5.11 26.47 -4.25
C PHE A 236 -6.50 26.41 -4.86
N ALA A 237 -7.54 26.73 -4.08
CA ALA A 237 -8.88 26.76 -4.64
C ALA A 237 -8.98 27.85 -5.70
N LYS A 238 -8.33 28.98 -5.46
CA LYS A 238 -8.26 30.03 -6.48
C LYS A 238 -7.48 29.54 -7.70
N MET A 239 -6.28 29.01 -7.48
CA MET A 239 -5.46 28.54 -8.59
C MET A 239 -6.21 27.55 -9.46
N PHE A 240 -6.86 26.57 -8.85
CA PHE A 240 -7.48 25.48 -9.59
C PHE A 240 -8.97 25.65 -9.78
N GLU A 241 -9.56 26.71 -9.23
CA GLU A 241 -10.99 26.98 -9.38
C GLU A 241 -11.81 25.86 -8.74
N ILE A 242 -11.52 25.59 -7.47
CA ILE A 242 -12.26 24.60 -6.70
C ILE A 242 -13.28 25.38 -5.89
N GLU A 243 -14.52 25.38 -6.38
CA GLU A 243 -15.60 26.19 -5.83
C GLU A 243 -16.82 25.32 -5.58
N PHE A 244 -17.70 25.81 -4.71
CA PHE A 244 -18.94 25.11 -4.41
C PHE A 244 -20.07 26.11 -4.25
N GLU A 245 -21.25 25.70 -4.66
CA GLU A 245 -22.46 26.47 -4.47
C GLU A 245 -22.98 26.22 -3.07
N ASP A 246 -23.01 27.24 -2.22
CA ASP A 246 -23.50 27.04 -0.87
C ASP A 246 -25.02 26.92 -0.90
N GLU A 247 -25.68 26.95 0.26
CA GLU A 247 -27.11 26.69 0.30
C GLU A 247 -27.97 27.84 -0.21
N GLU A 248 -27.40 29.02 -0.44
CA GLU A 248 -28.11 30.11 -1.09
C GLU A 248 -27.69 30.30 -2.54
N GLY A 249 -26.97 29.35 -3.12
CA GLY A 249 -26.61 29.43 -4.52
C GLY A 249 -25.43 30.32 -4.86
N HIS A 250 -24.72 30.85 -3.86
CA HIS A 250 -23.54 31.67 -4.09
C HIS A 250 -22.31 30.78 -4.21
N LYS A 251 -21.46 31.07 -5.19
CA LYS A 251 -20.24 30.31 -5.34
C LYS A 251 -19.22 30.78 -4.31
N ARG A 252 -18.58 29.80 -3.67
CA ARG A 252 -17.60 30.05 -2.62
C ARG A 252 -16.38 29.19 -2.91
N LEU A 253 -15.22 29.60 -2.41
CA LEU A 253 -14.01 28.81 -2.55
C LEU A 253 -13.91 27.80 -1.41
N VAL A 254 -13.41 26.59 -1.72
CA VAL A 254 -13.16 25.64 -0.65
C VAL A 254 -11.94 26.07 0.17
N HIS A 255 -11.84 25.51 1.36
CA HIS A 255 -10.73 25.72 2.28
C HIS A 255 -10.02 24.38 2.43
N GLN A 256 -8.73 24.35 2.12
CA GLN A 256 -8.05 23.08 1.92
C GLN A 256 -6.96 22.85 2.96
N THR A 257 -6.64 21.56 3.11
CA THR A 257 -5.52 21.07 3.92
C THR A 257 -4.77 20.00 3.14
N SER A 258 -3.51 19.78 3.52
CA SER A 258 -2.68 18.69 2.99
C SER A 258 -1.68 18.33 4.06
N TRP A 259 -1.38 17.05 4.14
CA TRP A 259 -0.56 16.53 5.19
C TRP A 259 0.18 15.28 4.77
N GLY A 260 1.37 15.08 5.33
CA GLY A 260 2.15 13.93 4.98
C GLY A 260 3.17 13.44 5.96
N CYS A 261 3.54 12.18 5.82
CA CYS A 261 4.57 11.65 6.70
C CYS A 261 5.18 10.43 5.99
N THR A 262 6.48 10.17 6.23
CA THR A 262 7.26 9.24 5.40
C THR A 262 8.03 8.20 6.24
N THR A 263 8.73 7.32 5.52
CA THR A 263 9.61 6.33 6.13
C THR A 263 10.81 6.97 6.85
N ARG A 264 11.03 8.27 6.67
CA ARG A 264 11.92 9.00 7.58
C ARG A 264 11.63 8.67 9.04
N SER A 265 10.37 8.39 9.39
CA SER A 265 10.03 8.09 10.78
C SER A 265 10.81 6.90 11.29
N LEU A 266 11.03 5.89 10.43
CA LEU A 266 11.83 4.74 10.85
C LEU A 266 13.26 5.13 11.19
N GLY A 267 13.87 5.96 10.32
CA GLY A 267 15.21 6.44 10.61
C GLY A 267 15.28 7.11 11.96
N VAL A 268 14.27 7.94 12.26
CA VAL A 268 14.30 8.69 13.51
C VAL A 268 14.17 7.73 14.67
N MET A 269 13.32 6.70 14.53
CA MET A 269 13.22 5.69 15.57
C MET A 269 14.56 4.99 15.78
N ILE A 270 15.23 4.60 14.69
CA ILE A 270 16.52 3.91 14.83
C ILE A 270 17.50 4.79 15.58
N MET A 271 17.58 6.07 15.20
CA MET A 271 18.62 6.90 15.76
C MET A 271 18.33 7.20 17.22
N THR A 272 17.04 7.18 17.59
CA THR A 272 16.66 7.57 18.94
C THR A 272 16.94 6.45 19.93
N HIS A 273 16.57 5.21 19.59
CA HIS A 273 16.63 4.13 20.56
C HIS A 273 17.80 3.19 20.36
N GLY A 274 18.45 3.21 19.21
CA GLY A 274 19.53 2.27 18.96
C GLY A 274 20.68 2.48 19.93
N ASP A 275 21.46 1.41 20.13
CA ASP A 275 22.59 1.50 21.07
C ASP A 275 23.77 0.77 20.44
N ASP A 276 24.83 0.57 21.22
CA ASP A 276 26.03 -0.05 20.67
C ASP A 276 25.77 -1.48 20.23
N LYS A 277 24.80 -2.16 20.85
CA LYS A 277 24.49 -3.53 20.45
C LYS A 277 23.62 -3.61 19.21
N GLY A 278 23.09 -2.48 18.71
CA GLY A 278 22.28 -2.49 17.51
C GLY A 278 20.91 -1.84 17.73
N LEU A 279 19.91 -2.36 17.01
CA LEU A 279 18.57 -1.78 17.08
C LEU A 279 17.92 -2.06 18.43
N VAL A 280 16.98 -1.17 18.77
CA VAL A 280 16.03 -1.43 19.85
C VAL A 280 14.66 -1.01 19.33
N ILE A 281 13.74 -1.95 19.22
CA ILE A 281 12.43 -1.68 18.65
C ILE A 281 11.41 -1.53 19.78
N PRO A 282 10.69 -0.42 19.86
CA PRO A 282 9.61 -0.29 20.85
C PRO A 282 8.59 -1.40 20.68
N PRO A 283 8.14 -2.01 21.78
CA PRO A 283 7.17 -3.11 21.69
C PRO A 283 5.95 -2.80 20.86
N ARG A 284 5.50 -1.55 20.81
CA ARG A 284 4.26 -1.27 20.08
C ARG A 284 4.42 -1.41 18.57
N VAL A 285 5.64 -1.32 18.03
CA VAL A 285 5.85 -1.47 16.60
C VAL A 285 6.69 -2.70 16.26
N ALA A 286 6.93 -3.57 17.23
CA ALA A 286 7.75 -4.77 17.01
C ALA A 286 6.87 -5.88 16.46
N SER A 287 7.20 -6.38 15.26
CA SER A 287 6.46 -7.52 14.73
C SER A 287 6.74 -8.78 15.55
N VAL A 288 7.93 -8.88 16.13
CA VAL A 288 8.24 -9.92 17.11
C VAL A 288 8.46 -9.22 18.44
N GLN A 289 7.54 -9.38 19.39
CA GLN A 289 7.73 -8.78 20.71
C GLN A 289 8.54 -9.68 21.64
N VAL A 290 8.31 -10.99 21.57
CA VAL A 290 9.03 -11.99 22.35
C VAL A 290 9.54 -13.06 21.40
N VAL A 291 10.85 -13.34 21.43
CA VAL A 291 11.39 -14.48 20.71
C VAL A 291 11.73 -15.54 21.75
N ILE A 292 11.28 -16.76 21.50
CA ILE A 292 11.53 -17.90 22.39
C ILE A 292 12.67 -18.70 21.77
N ILE A 293 13.76 -18.86 22.52
CA ILE A 293 14.95 -19.55 22.08
C ILE A 293 15.04 -20.87 22.84
N PRO A 294 14.83 -22.02 22.17
CA PRO A 294 15.04 -23.29 22.88
C PRO A 294 16.53 -23.58 22.99
N ILE A 295 16.97 -23.94 24.19
CA ILE A 295 18.36 -24.25 24.44
C ILE A 295 18.52 -25.75 24.19
N LEU A 296 19.02 -26.09 23.01
CA LEU A 296 19.23 -27.48 22.61
C LEU A 296 20.72 -27.78 22.66
N PHE A 297 21.14 -28.71 23.48
CA PHE A 297 22.54 -29.05 23.56
C PHE A 297 22.69 -30.49 23.99
N LYS A 298 23.48 -31.25 23.24
CA LYS A 298 23.74 -32.64 23.55
C LYS A 298 22.52 -33.51 23.73
N ASP A 299 21.51 -33.29 22.92
CA ASP A 299 20.27 -34.00 22.95
C ASP A 299 19.58 -34.09 24.30
N GLU A 300 19.71 -33.09 25.14
CA GLU A 300 19.09 -33.12 26.47
C GLU A 300 17.65 -32.59 26.40
N ASN A 301 16.68 -33.51 26.48
CA ASN A 301 15.25 -33.18 26.57
C ASN A 301 14.73 -32.41 25.36
N THR A 302 15.29 -32.69 24.18
CA THR A 302 14.95 -31.93 22.98
C THR A 302 13.43 -31.84 22.75
N GLY A 303 12.76 -33.00 22.68
CA GLY A 303 11.34 -33.00 22.35
C GLY A 303 10.47 -32.28 23.37
N GLU A 304 10.74 -32.49 24.65
CA GLU A 304 9.97 -31.83 25.71
C GLU A 304 10.19 -30.33 25.69
N ILE A 305 11.42 -29.89 25.41
CA ILE A 305 11.69 -28.45 25.36
C ILE A 305 10.94 -27.82 24.20
N LEU A 306 11.03 -28.42 23.01
CA LEU A 306 10.29 -27.87 21.88
C LEU A 306 8.79 -27.85 22.15
N GLY A 307 8.26 -28.91 22.76
CA GLY A 307 6.83 -28.93 23.09
C GLY A 307 6.45 -27.82 24.05
N LYS A 308 7.26 -27.59 25.08
CA LYS A 308 6.96 -26.55 26.05
C LYS A 308 7.04 -25.17 25.41
N CYS A 309 7.98 -24.97 24.48
CA CYS A 309 8.06 -23.71 23.75
C CYS A 309 6.77 -23.45 22.99
N ARG A 310 6.23 -24.49 22.33
CA ARG A 310 4.99 -24.28 21.58
C ARG A 310 3.82 -23.99 22.51
N GLU A 311 3.78 -24.65 23.67
CA GLU A 311 2.74 -24.36 24.66
C GLU A 311 2.83 -22.91 25.13
N LEU A 312 4.04 -22.45 25.46
CA LEU A 312 4.22 -21.08 25.91
C LEU A 312 3.82 -20.09 24.82
N LYS A 313 4.12 -20.43 23.56
CA LYS A 313 3.72 -19.54 22.48
C LYS A 313 2.21 -19.40 22.41
N THR A 314 1.49 -20.52 22.49
CA THR A 314 0.02 -20.46 22.46
C THR A 314 -0.51 -19.61 23.60
N MET A 315 0.02 -19.85 24.81
CA MET A 315 -0.44 -19.11 25.98
C MET A 315 -0.21 -17.61 25.82
N LEU A 316 0.98 -17.22 25.35
CA LEU A 316 1.27 -15.81 25.13
C LEU A 316 0.41 -15.21 24.03
N GLU A 317 0.08 -15.99 22.99
CA GLU A 317 -0.71 -15.41 21.92
C GLU A 317 -2.15 -15.17 22.34
N LYS A 318 -2.66 -15.96 23.29
CA LYS A 318 -3.98 -15.64 23.83
C LYS A 318 -4.01 -14.28 24.52
N ALA A 319 -2.87 -13.78 24.99
CA ALA A 319 -2.77 -12.44 25.57
C ALA A 319 -2.43 -11.38 24.53
N ASP A 320 -2.50 -11.74 23.25
CA ASP A 320 -2.21 -10.83 22.13
C ASP A 320 -0.75 -10.39 22.11
N ILE A 321 0.13 -11.20 22.66
CA ILE A 321 1.56 -10.94 22.54
C ILE A 321 2.04 -11.60 21.24
N ARG A 322 2.90 -10.89 20.50
CA ARG A 322 3.40 -11.36 19.22
C ARG A 322 4.69 -12.14 19.46
N VAL A 323 4.63 -13.45 19.24
CA VAL A 323 5.68 -14.40 19.66
C VAL A 323 6.24 -15.10 18.43
N ARG A 324 7.56 -15.29 18.43
CA ARG A 324 8.19 -16.16 17.44
C ARG A 324 9.07 -17.16 18.19
N ILE A 325 8.94 -18.44 17.85
CA ILE A 325 9.86 -19.45 18.33
C ILE A 325 10.96 -19.60 17.28
N ASP A 326 12.20 -19.34 17.68
CA ASP A 326 13.32 -19.58 16.76
C ASP A 326 13.85 -20.97 17.04
N ASP A 327 13.16 -21.95 16.46
CA ASP A 327 13.56 -23.35 16.53
C ASP A 327 14.43 -23.78 15.35
N ARG A 328 15.04 -22.83 14.63
CA ARG A 328 15.89 -23.20 13.51
C ARG A 328 17.08 -24.02 13.98
N SER A 329 17.27 -25.20 13.36
CA SER A 329 18.28 -26.12 13.85
C SER A 329 19.69 -25.79 13.38
N ASN A 330 19.84 -24.91 12.38
CA ASN A 330 21.16 -24.63 11.81
C ASN A 330 21.84 -23.45 12.49
N TYR A 331 21.39 -23.05 13.66
CA TYR A 331 22.04 -21.99 14.43
C TYR A 331 22.07 -22.39 15.90
N THR A 332 23.15 -22.03 16.58
CA THR A 332 23.28 -22.26 18.00
C THR A 332 22.40 -21.30 18.79
N PRO A 333 22.08 -21.62 20.04
CA PRO A 333 21.40 -20.65 20.90
C PRO A 333 22.14 -19.32 21.01
N GLY A 334 23.47 -19.32 21.19
CA GLY A 334 24.18 -18.07 21.37
C GLY A 334 24.13 -17.18 20.14
N TRP A 335 24.21 -17.81 18.96
CA TRP A 335 23.97 -17.10 17.71
C TRP A 335 22.58 -16.45 17.71
N LYS A 336 21.56 -17.19 18.16
CA LYS A 336 20.20 -16.63 18.14
C LYS A 336 20.07 -15.45 19.11
N TYR A 337 20.66 -15.55 20.30
CA TYR A 337 20.68 -14.42 21.22
C TYR A 337 21.19 -13.17 20.51
N ASN A 338 22.37 -13.30 19.90
CA ASN A 338 22.98 -12.14 19.26
C ASN A 338 22.15 -11.64 18.08
N HIS A 339 21.62 -12.57 17.27
CA HIS A 339 20.83 -12.22 16.11
C HIS A 339 19.63 -11.37 16.50
N TRP A 340 18.86 -11.84 17.49
CA TRP A 340 17.64 -11.11 17.82
C TRP A 340 17.93 -9.86 18.65
N GLU A 341 19.09 -9.82 19.32
CA GLU A 341 19.50 -8.59 19.99
C GLU A 341 19.89 -7.52 18.96
N VAL A 342 20.67 -7.90 17.94
CA VAL A 342 21.04 -6.95 16.89
C VAL A 342 19.79 -6.45 16.18
N LYS A 343 18.77 -7.30 16.05
CA LYS A 343 17.55 -6.87 15.38
C LYS A 343 16.59 -6.08 16.28
N GLY A 344 16.85 -6.01 17.58
CA GLY A 344 16.06 -5.13 18.43
C GLY A 344 14.81 -5.71 19.03
N VAL A 345 14.67 -7.03 19.04
CA VAL A 345 13.46 -7.65 19.61
C VAL A 345 13.38 -7.31 21.09
N PRO A 346 12.26 -6.78 21.60
CA PRO A 346 12.26 -6.26 22.96
C PRO A 346 12.45 -7.30 24.05
N LEU A 347 12.02 -8.55 23.87
CA LEU A 347 12.17 -9.55 24.92
C LEU A 347 12.62 -10.88 24.32
N ARG A 348 13.59 -11.50 24.96
CA ARG A 348 14.07 -12.83 24.61
C ARG A 348 13.67 -13.78 25.73
N LEU A 349 13.07 -14.92 25.42
CA LEU A 349 12.70 -15.94 26.39
C LEU A 349 13.53 -17.18 26.12
N GLU A 350 14.27 -17.62 27.14
CA GLU A 350 15.17 -18.78 27.10
C GLU A 350 14.53 -19.93 27.86
N LEU A 351 14.49 -21.10 27.22
CA LEU A 351 13.96 -22.33 27.79
C LEU A 351 14.93 -23.48 27.54
N GLY A 352 15.52 -23.98 28.61
CA GLY A 352 16.40 -25.14 28.57
C GLY A 352 15.94 -26.19 29.55
N PRO A 353 16.72 -27.25 29.72
CA PRO A 353 16.29 -28.34 30.63
C PRO A 353 16.22 -27.90 32.08
N LYS A 354 17.12 -27.01 32.52
CA LYS A 354 17.02 -26.49 33.87
C LYS A 354 15.71 -25.76 34.07
N ASP A 355 15.37 -24.85 33.15
CA ASP A 355 14.12 -24.11 33.23
C ASP A 355 12.92 -25.04 33.15
N LEU A 356 12.97 -26.01 32.25
CA LEU A 356 11.91 -27.00 32.12
C LEU A 356 11.67 -27.73 33.45
N ALA A 357 12.75 -28.05 34.16
CA ALA A 357 12.61 -28.66 35.48
C ALA A 357 11.96 -27.70 36.48
N LYS A 358 12.43 -26.45 36.52
CA LYS A 358 11.94 -25.49 37.51
C LYS A 358 10.55 -24.94 37.20
N GLY A 359 9.99 -25.22 36.02
CA GLY A 359 8.71 -24.64 35.65
C GLY A 359 8.77 -23.14 35.39
N THR A 360 9.93 -22.62 35.05
CA THR A 360 10.13 -21.19 34.84
C THR A 360 10.76 -20.97 33.47
N ALA A 361 10.96 -19.70 33.14
CA ALA A 361 11.70 -19.32 31.95
C ALA A 361 12.57 -18.13 32.32
N ARG A 362 13.64 -17.94 31.54
CA ARG A 362 14.52 -16.80 31.73
C ARG A 362 14.19 -15.78 30.63
N VAL A 363 13.86 -14.54 31.02
CA VAL A 363 13.47 -13.50 30.08
C VAL A 363 14.45 -12.34 30.20
N VAL A 364 14.93 -11.86 29.06
CA VAL A 364 15.89 -10.75 29.03
C VAL A 364 15.30 -9.63 28.20
N ARG A 365 15.23 -8.43 28.78
CA ARG A 365 14.72 -7.28 28.06
C ARG A 365 15.86 -6.57 27.33
N ARG A 366 15.55 -6.13 26.10
CA ARG A 366 16.58 -5.64 25.19
C ARG A 366 17.12 -4.27 25.60
N ASP A 367 16.26 -3.40 26.14
CA ASP A 367 16.68 -2.02 26.37
C ASP A 367 17.74 -1.91 27.47
N THR A 368 17.60 -2.67 28.55
CA THR A 368 18.51 -2.58 29.69
C THR A 368 19.35 -3.84 29.92
N GLY A 369 18.99 -4.97 29.31
CA GLY A 369 19.67 -6.21 29.59
C GLY A 369 19.29 -6.91 30.88
N GLU A 370 18.31 -6.39 31.61
CA GLU A 370 17.90 -7.04 32.86
C GLU A 370 17.22 -8.37 32.60
N ALA A 371 17.52 -9.36 33.44
CA ALA A 371 17.00 -10.72 33.31
C ALA A 371 16.02 -11.04 34.43
N TYR A 372 15.03 -11.85 34.10
CA TYR A 372 13.98 -12.21 35.05
C TYR A 372 13.78 -13.71 34.99
N GLN A 373 13.48 -14.30 36.15
CA GLN A 373 13.06 -15.70 36.24
C GLN A 373 11.56 -15.70 36.51
N ILE A 374 10.79 -16.23 35.57
CA ILE A 374 9.34 -16.07 35.61
C ILE A 374 8.68 -17.43 35.50
N SER A 375 7.82 -17.76 36.45
CA SER A 375 7.02 -18.98 36.35
C SER A 375 6.13 -18.94 35.11
N TRP A 376 5.80 -20.12 34.60
CA TRP A 376 5.01 -20.18 33.38
C TRP A 376 3.63 -19.54 33.58
N ALA A 377 3.03 -19.75 34.76
CA ALA A 377 1.71 -19.19 35.02
C ALA A 377 1.75 -17.66 35.09
N ASP A 378 2.90 -17.09 35.44
CA ASP A 378 3.04 -15.64 35.51
C ASP A 378 3.49 -15.01 34.20
N LEU A 379 3.76 -15.82 33.18
CA LEU A 379 4.44 -15.32 31.99
C LEU A 379 3.64 -14.21 31.31
N ALA A 380 2.37 -14.46 30.99
CA ALA A 380 1.64 -13.48 30.20
C ALA A 380 1.50 -12.13 30.92
N PRO A 381 1.00 -12.06 32.15
CA PRO A 381 0.89 -10.72 32.77
C PRO A 381 2.23 -10.05 33.02
N LYS A 382 3.26 -10.82 33.39
CA LYS A 382 4.58 -10.22 33.60
C LYS A 382 5.15 -9.66 32.29
N LEU A 383 4.96 -10.38 31.18
CA LEU A 383 5.50 -9.89 29.92
C LEU A 383 4.73 -8.67 29.44
N LEU A 384 3.41 -8.64 29.63
CA LEU A 384 2.66 -7.42 29.29
C LEU A 384 3.16 -6.23 30.09
N GLU A 385 3.40 -6.45 31.39
CA GLU A 385 3.95 -5.38 32.22
C GLU A 385 5.32 -4.94 31.73
N LEU A 386 6.21 -5.90 31.43
CA LEU A 386 7.54 -5.53 30.98
C LEU A 386 7.48 -4.75 29.68
N MET A 387 6.58 -5.13 28.76
CA MET A 387 6.54 -4.45 27.48
C MET A 387 6.06 -3.01 27.65
N GLU A 388 5.07 -2.79 28.52
CA GLU A 388 4.66 -1.40 28.75
C GLU A 388 5.76 -0.61 29.43
N GLY A 389 6.50 -1.26 30.33
CA GLY A 389 7.66 -0.60 30.94
C GLY A 389 8.72 -0.23 29.93
N ILE A 390 9.05 -1.14 29.02
CA ILE A 390 10.06 -0.88 28.00
C ILE A 390 9.63 0.27 27.09
N GLN A 391 8.39 0.19 26.57
CA GLN A 391 7.87 1.28 25.74
C GLN A 391 7.98 2.62 26.46
N ARG A 392 7.50 2.67 27.71
CA ARG A 392 7.48 3.94 28.44
C ARG A 392 8.89 4.42 28.74
N SER A 393 9.79 3.50 29.10
CA SER A 393 11.15 3.91 29.44
C SER A 393 11.92 4.41 28.22
N LEU A 394 11.76 3.74 27.06
CA LEU A 394 12.36 4.26 25.83
C LEU A 394 11.88 5.68 25.57
N PHE A 395 10.56 5.89 25.64
CA PHE A 395 10.04 7.24 25.41
C PHE A 395 10.61 8.26 26.41
N GLU A 396 10.59 7.93 27.71
CA GLU A 396 11.00 8.90 28.72
C GLU A 396 12.48 9.24 28.63
N LYS A 397 13.34 8.25 28.39
CA LYS A 397 14.75 8.55 28.24
C LYS A 397 15.01 9.42 27.01
N ALA A 398 14.31 9.15 25.90
CA ALA A 398 14.44 10.03 24.74
C ALA A 398 13.92 11.44 25.04
N LYS A 399 12.82 11.54 25.78
CA LYS A 399 12.28 12.86 26.12
C LYS A 399 13.26 13.65 26.99
N ALA A 400 13.91 12.97 27.94
CA ALA A 400 14.94 13.63 28.74
C ALA A 400 16.09 14.13 27.87
N ARG A 401 16.53 13.32 26.91
CA ARG A 401 17.60 13.79 26.03
CA ARG A 401 17.60 13.77 26.02
C ARG A 401 17.16 14.99 25.21
N LEU A 402 15.90 15.01 24.77
CA LEU A 402 15.39 16.16 24.03
C LEU A 402 15.44 17.41 24.90
N HIS A 403 14.93 17.31 26.13
CA HIS A 403 14.89 18.48 27.00
CA HIS A 403 14.90 18.46 27.04
C HIS A 403 16.30 18.96 27.33
N GLU A 404 17.26 18.05 27.49
CA GLU A 404 18.63 18.49 27.74
C GLU A 404 19.31 19.04 26.49
N GLY A 405 18.76 18.76 25.30
CA GLY A 405 19.34 19.30 24.08
C GLY A 405 18.86 20.66 23.66
N ILE A 406 18.03 21.34 24.46
CA ILE A 406 17.45 22.63 24.11
C ILE A 406 17.90 23.66 25.12
N GLU A 407 18.54 24.73 24.66
CA GLU A 407 18.99 25.83 25.51
C GLU A 407 18.10 27.05 25.27
N LYS A 408 17.46 27.53 26.32
CA LYS A 408 16.71 28.78 26.25
C LYS A 408 17.67 29.96 26.37
N ILE A 409 17.69 30.84 25.37
CA ILE A 409 18.65 31.94 25.31
C ILE A 409 17.93 33.26 25.09
N SER A 410 18.67 34.37 25.27
CA SER A 410 18.16 35.73 25.11
C SER A 410 18.89 36.55 24.05
N THR A 411 20.17 36.30 23.81
CA THR A 411 20.96 37.15 22.93
C THR A 411 21.75 36.29 21.95
N PHE A 412 22.09 36.87 20.82
CA PHE A 412 22.79 36.21 19.75
C PHE A 412 24.13 35.68 20.07
N ASP A 413 24.76 36.24 21.06
CA ASP A 413 26.05 35.74 21.48
C ASP A 413 26.04 34.41 22.17
N GLU A 414 24.92 33.93 22.63
CA GLU A 414 24.85 32.63 23.19
C GLU A 414 24.57 31.59 22.08
N VAL A 415 24.44 31.97 20.82
CA VAL A 415 24.03 31.01 19.79
C VAL A 415 25.16 30.02 19.50
N MET A 416 26.31 30.53 19.06
CA MET A 416 27.37 29.62 18.65
C MET A 416 27.83 28.69 19.77
N PRO A 417 27.99 29.13 21.04
CA PRO A 417 28.31 28.15 22.09
C PRO A 417 27.31 27.01 22.19
N ALA A 418 26.00 27.34 22.19
CA ALA A 418 24.98 26.30 22.28
C ALA A 418 25.03 25.36 21.08
N LEU A 419 25.22 25.90 19.88
CA LEU A 419 25.35 25.04 18.71
C LEU A 419 26.56 24.11 18.84
N ASN A 420 27.64 24.60 19.46
CA ASN A 420 28.85 23.78 19.55
C ASN A 420 28.72 22.72 20.63
N ARG A 421 27.77 22.88 21.53
CA ARG A 421 27.36 21.81 22.42
C ARG A 421 26.40 20.83 21.75
N LYS A 422 26.18 20.97 20.44
CA LYS A 422 25.21 20.14 19.70
C LYS A 422 23.79 20.27 20.28
N HIS A 423 23.41 21.50 20.59
CA HIS A 423 22.08 21.78 21.13
C HIS A 423 21.28 22.67 20.17
N LEU A 424 19.97 22.60 20.32
CA LEU A 424 19.06 23.58 19.74
C LEU A 424 18.94 24.77 20.68
N VAL A 425 18.42 25.88 20.17
CA VAL A 425 18.19 27.07 20.99
C VAL A 425 16.73 27.49 20.88
N LEU A 426 16.18 27.90 22.00
CA LEU A 426 14.84 28.50 22.08
C LEU A 426 15.04 29.98 22.39
N ALA A 427 14.69 30.84 21.44
CA ALA A 427 15.05 32.24 21.55
C ALA A 427 13.85 33.12 21.22
N PRO A 428 13.74 34.28 21.87
CA PRO A 428 12.68 35.22 21.50
C PRO A 428 12.97 35.83 20.14
N TRP A 429 11.96 35.83 19.27
CA TRP A 429 12.19 36.24 17.88
C TRP A 429 11.09 37.18 17.41
N CYS A 430 11.52 38.18 16.61
CA CYS A 430 10.67 39.18 15.96
C CYS A 430 9.84 38.59 14.83
N GLU A 431 10.23 37.43 14.30
CA GLU A 431 9.54 36.73 13.22
C GLU A 431 9.60 37.46 11.88
N ASP A 432 10.44 38.48 11.75
CA ASP A 432 10.66 39.09 10.45
C ASP A 432 11.38 38.09 9.54
N PRO A 433 10.91 37.87 8.31
CA PRO A 433 11.52 36.82 7.48
C PRO A 433 12.94 37.12 7.02
N GLU A 434 13.29 38.40 6.76
CA GLU A 434 14.67 38.71 6.37
C GLU A 434 15.67 38.30 7.44
N SER A 435 15.27 38.40 8.71
CA SER A 435 16.21 38.07 9.78
C SER A 435 16.55 36.58 9.78
N GLU A 436 15.63 35.72 9.37
CA GLU A 436 15.96 34.30 9.31
C GLU A 436 17.07 34.03 8.30
N GLU A 437 16.96 34.63 7.10
CA GLU A 437 18.02 34.49 6.11
C GLU A 437 19.34 35.03 6.62
N GLN A 438 19.31 36.21 7.27
CA GLN A 438 20.54 36.78 7.80
C GLN A 438 21.16 35.86 8.87
N ILE A 439 20.32 35.27 9.72
CA ILE A 439 20.82 34.39 10.78
C ILE A 439 21.42 33.14 10.19
N LYS A 440 20.77 32.57 9.17
CA LYS A 440 21.33 31.40 8.49
C LYS A 440 22.71 31.69 7.94
N LYS A 441 22.83 32.81 7.21
CA LYS A 441 24.12 33.10 6.59
C LYS A 441 25.19 33.36 7.63
N GLU A 442 24.85 34.10 8.70
CA GLU A 442 25.87 34.42 9.69
C GLU A 442 26.30 33.20 10.48
N THR A 443 25.36 32.32 10.85
CA THR A 443 25.77 31.13 11.58
C THR A 443 26.57 30.19 10.69
N GLN A 444 26.31 30.19 9.42
CA GLN A 444 27.08 29.36 8.56
C GLN A 444 28.49 29.86 8.52
N LYS A 445 28.65 31.15 8.29
CA LYS A 445 29.96 31.77 8.31
C LYS A 445 30.72 31.43 9.59
N LEU A 446 30.07 31.61 10.74
CA LEU A 446 30.76 31.38 12.01
C LEU A 446 31.07 29.90 12.21
N SER A 447 30.30 29.00 11.59
CA SER A 447 30.59 27.58 11.71
C SER A 447 31.78 27.17 10.86
N GLU A 448 31.97 27.82 9.71
CA GLU A 448 33.17 27.56 8.92
C GLU A 448 34.41 27.91 9.72
N ILE A 449 34.46 29.10 10.30
CA ILE A 449 35.57 29.48 11.15
C ILE A 449 35.56 28.68 12.45
N MET A 461 27.69 18.66 5.35
CA MET A 461 26.66 18.90 6.37
C MET A 461 26.69 20.35 6.87
N THR A 462 25.82 21.20 6.33
CA THR A 462 25.93 22.64 6.56
C THR A 462 25.81 23.00 8.03
N GLY A 463 26.61 23.98 8.45
CA GLY A 463 26.55 24.53 9.78
C GLY A 463 25.54 25.63 9.99
N ALA A 464 24.70 25.94 8.99
CA ALA A 464 23.71 27.00 9.14
C ALA A 464 22.67 26.62 10.19
N MET A 465 22.23 27.62 10.95
CA MET A 465 21.13 27.45 11.88
C MET A 465 19.88 28.09 11.27
N LYS A 466 18.77 27.36 11.28
CA LYS A 466 17.50 27.86 10.77
C LYS A 466 16.41 27.61 11.81
N THR A 467 15.24 28.20 11.59
CA THR A 467 14.12 27.87 12.45
C THR A 467 13.70 26.42 12.23
N LEU A 468 13.40 25.73 13.33
CA LEU A 468 12.75 24.43 13.26
C LEU A 468 11.25 24.60 13.42
N CYS A 469 10.81 25.27 14.48
CA CYS A 469 9.39 25.63 14.51
C CYS A 469 9.17 26.70 15.57
N ILE A 470 7.99 27.30 15.51
CA ILE A 470 7.51 28.18 16.56
C ILE A 470 6.57 27.36 17.43
N PRO A 471 6.99 26.94 18.62
CA PRO A 471 6.24 25.88 19.31
C PRO A 471 4.86 26.34 19.74
N PHE A 472 3.89 25.44 19.62
CA PHE A 472 2.55 25.70 20.15
C PHE A 472 2.64 26.08 21.63
N ASP A 473 3.40 25.31 22.41
CA ASP A 473 3.54 25.56 23.83
C ASP A 473 4.56 26.67 24.03
N GLN A 474 4.07 27.87 24.37
CA GLN A 474 4.88 29.08 24.40
C GLN A 474 5.22 29.42 25.84
N PRO A 475 6.48 29.56 26.21
CA PRO A 475 6.80 30.11 27.53
C PRO A 475 6.35 31.56 27.61
N PRO A 476 6.26 32.11 28.83
CA PRO A 476 5.88 33.51 28.97
C PRO A 476 6.82 34.44 28.21
N MET A 477 6.25 35.51 27.66
CA MET A 477 7.00 36.57 26.97
C MET A 477 6.90 37.85 27.77
N PRO A 478 7.84 38.12 28.67
CA PRO A 478 7.77 39.35 29.48
C PRO A 478 7.74 40.58 28.59
N GLU A 479 6.97 41.58 29.02
CA GLU A 479 6.85 42.82 28.26
C GLU A 479 8.22 43.42 27.97
N GLY A 480 8.43 43.82 26.72
CA GLY A 480 9.66 44.46 26.32
C GLY A 480 10.81 43.52 26.02
N THR A 481 10.61 42.21 26.07
CA THR A 481 11.65 41.27 25.65
C THR A 481 12.05 41.55 24.21
N LYS A 482 13.35 41.67 23.96
CA LYS A 482 13.83 41.96 22.62
C LYS A 482 14.16 40.70 21.83
N CYS A 483 14.00 40.79 20.52
CA CYS A 483 14.44 39.73 19.61
C CYS A 483 15.92 39.47 19.81
N PHE A 484 16.29 38.19 19.87
CA PHE A 484 17.67 37.83 20.18
C PHE A 484 18.65 38.28 19.10
N TYR A 485 18.16 38.60 17.91
CA TYR A 485 19.02 38.97 16.80
C TYR A 485 18.89 40.43 16.39
N THR A 486 17.67 40.92 16.20
CA THR A 486 17.46 42.27 15.68
C THR A 486 17.30 43.32 16.77
N GLY A 487 16.95 42.93 17.99
CA GLY A 487 16.65 43.90 19.02
C GLY A 487 15.31 44.59 18.91
N LYS A 488 14.54 44.33 17.85
CA LYS A 488 13.16 44.76 17.80
C LYS A 488 12.37 43.97 18.83
N PRO A 489 11.14 44.38 19.16
CA PRO A 489 10.34 43.63 20.12
C PRO A 489 10.15 42.18 19.66
N ALA A 490 10.35 41.26 20.58
CA ALA A 490 10.15 39.84 20.27
C ALA A 490 8.68 39.51 20.26
N LYS A 491 8.28 38.69 19.28
CA LYS A 491 6.89 38.24 19.22
C LYS A 491 6.71 36.90 19.92
N ARG A 492 7.50 35.89 19.54
CA ARG A 492 7.27 34.58 20.16
C ARG A 492 8.59 33.86 20.37
N TRP A 493 8.56 32.84 21.20
CA TRP A 493 9.72 31.97 21.37
C TRP A 493 9.80 31.02 20.18
N THR A 494 11.00 30.88 19.61
CA THR A 494 11.21 30.12 18.39
C THR A 494 12.34 29.14 18.60
N LEU A 495 12.15 27.92 18.10
CA LEU A 495 13.13 26.85 18.20
C LEU A 495 13.94 26.84 16.93
N TRP A 496 15.27 27.01 17.08
CA TRP A 496 16.28 27.06 16.03
C TRP A 496 17.30 25.95 16.23
N GLY A 497 17.91 25.50 15.14
CA GLY A 497 19.07 24.63 15.25
C GLY A 497 19.63 24.34 13.88
N ARG A 498 20.78 23.67 13.88
CA ARG A 498 21.18 22.97 12.67
C ARG A 498 20.18 21.85 12.41
N SER A 499 20.01 21.51 11.15
CA SER A 499 18.93 20.59 10.84
C SER A 499 19.28 19.74 9.64
N TYR A 500 18.52 18.66 9.51
CA TYR A 500 18.42 17.87 8.30
C TYR A 500 17.54 18.59 7.29
N THR B 5 -27.23 4.16 -20.01
CA THR B 5 -27.72 4.46 -21.36
C THR B 5 -27.38 3.35 -22.35
N ALA B 6 -26.10 3.03 -22.48
CA ALA B 6 -25.69 1.92 -23.35
C ALA B 6 -26.02 0.58 -22.70
N LYS B 7 -26.54 -0.35 -23.49
CA LYS B 7 -26.91 -1.67 -23.00
C LYS B 7 -25.71 -2.61 -23.03
N LYS B 8 -25.55 -3.38 -21.96
CA LYS B 8 -24.35 -4.19 -21.77
C LYS B 8 -24.11 -5.14 -22.94
N ASP B 9 -25.16 -5.78 -23.45
CA ASP B 9 -24.93 -6.76 -24.52
C ASP B 9 -24.90 -6.13 -25.89
N GLU B 10 -25.49 -4.95 -26.06
CA GLU B 10 -25.55 -4.31 -27.37
C GLU B 10 -24.24 -3.60 -27.70
N ASN B 11 -23.72 -2.80 -26.76
CA ASN B 11 -22.54 -1.96 -26.98
C ASN B 11 -21.68 -2.09 -25.72
N PHE B 12 -20.99 -3.22 -25.62
CA PHE B 12 -20.36 -3.62 -24.37
C PHE B 12 -19.30 -2.63 -23.92
N SER B 13 -18.41 -2.20 -24.82
CA SER B 13 -17.32 -1.34 -24.37
C SER B 13 -17.83 0.04 -23.98
N GLU B 14 -18.83 0.56 -24.70
CA GLU B 14 -19.42 1.83 -24.28
C GLU B 14 -20.13 1.68 -22.94
N TRP B 15 -20.85 0.56 -22.76
CA TRP B 15 -21.45 0.26 -21.46
C TRP B 15 -20.40 0.27 -20.36
N TYR B 16 -19.24 -0.32 -20.62
CA TYR B 16 -18.19 -0.42 -19.61
C TYR B 16 -17.64 0.96 -19.24
N THR B 17 -17.28 1.77 -20.24
CA THR B 17 -16.76 3.10 -19.95
CA THR B 17 -16.76 3.09 -19.94
C THR B 17 -17.78 3.92 -19.16
N GLN B 18 -19.04 3.89 -19.59
CA GLN B 18 -20.08 4.62 -18.87
C GLN B 18 -20.21 4.12 -17.44
N ALA B 19 -20.21 2.80 -17.25
CA ALA B 19 -20.45 2.28 -15.91
C ALA B 19 -19.30 2.66 -14.97
N ILE B 20 -18.06 2.59 -15.44
CA ILE B 20 -16.97 2.85 -14.49
C ILE B 20 -16.91 4.33 -14.14
N VAL B 21 -17.37 5.21 -15.04
CA VAL B 21 -17.34 6.64 -14.73
C VAL B 21 -18.53 7.04 -13.87
N ARG B 22 -19.74 6.62 -14.26
CA ARG B 22 -20.94 7.05 -13.55
C ARG B 22 -21.01 6.45 -12.15
N SER B 23 -20.40 5.30 -11.94
CA SER B 23 -20.24 4.71 -10.63
C SER B 23 -19.25 5.46 -9.74
N GLU B 24 -18.50 6.41 -10.27
CA GLU B 24 -17.44 7.12 -9.52
C GLU B 24 -16.30 6.19 -9.11
N MET B 25 -16.07 5.15 -9.89
CA MET B 25 -14.89 4.31 -9.65
C MET B 25 -13.62 4.89 -10.25
N ILE B 26 -13.72 5.46 -11.44
CA ILE B 26 -12.58 5.87 -12.25
C ILE B 26 -12.79 7.32 -12.69
N GLU B 27 -11.73 8.11 -12.67
CA GLU B 27 -11.72 9.39 -13.35
C GLU B 27 -10.67 9.34 -14.46
N TYR B 28 -11.05 9.72 -15.67
CA TYR B 28 -10.08 9.69 -16.77
C TYR B 28 -9.06 10.80 -16.58
N TYR B 29 -7.94 10.69 -17.29
CA TYR B 29 -6.75 11.47 -16.98
C TYR B 29 -6.10 11.93 -18.28
N ASP B 30 -5.49 13.11 -18.25
CA ASP B 30 -4.99 13.69 -19.51
C ASP B 30 -3.88 12.85 -20.13
N ILE B 31 -3.17 12.06 -19.33
CA ILE B 31 -2.15 11.16 -19.85
C ILE B 31 -2.80 9.81 -20.16
N SER B 32 -2.74 9.40 -21.43
CA SER B 32 -3.47 8.22 -21.90
C SER B 32 -3.00 6.95 -21.21
N GLY B 33 -3.96 6.08 -20.87
CA GLY B 33 -3.64 4.81 -20.26
C GLY B 33 -3.40 4.86 -18.77
N CYS B 34 -3.51 6.02 -18.14
CA CYS B 34 -3.46 6.18 -16.70
C CYS B 34 -4.80 6.68 -16.21
N TYR B 35 -5.24 6.20 -15.06
CA TYR B 35 -6.57 6.53 -14.55
C TYR B 35 -6.49 6.84 -13.06
N ILE B 36 -7.38 7.72 -12.61
CA ILE B 36 -7.52 7.97 -11.18
C ILE B 36 -8.45 6.91 -10.60
N MET B 37 -7.98 6.19 -9.58
CA MET B 37 -8.83 5.23 -8.88
C MET B 37 -9.48 5.95 -7.69
N ARG B 38 -10.76 6.23 -7.80
CA ARG B 38 -11.50 6.91 -6.76
C ARG B 38 -11.84 5.94 -5.64
N PRO B 39 -12.23 6.45 -4.47
CA PRO B 39 -12.50 5.56 -3.33
C PRO B 39 -13.51 4.45 -3.58
N TRP B 40 -14.55 4.66 -4.39
CA TRP B 40 -15.51 3.57 -4.64
C TRP B 40 -14.81 2.33 -5.21
N ALA B 41 -13.81 2.52 -6.06
CA ALA B 41 -13.06 1.34 -6.52
C ALA B 41 -11.89 0.98 -5.59
N PHE B 42 -11.23 2.01 -5.03
CA PHE B 42 -10.04 1.71 -4.24
C PHE B 42 -10.38 0.91 -3.01
N HIS B 43 -11.58 1.11 -2.44
CA HIS B 43 -12.00 0.27 -1.31
C HIS B 43 -11.99 -1.21 -1.68
N ILE B 44 -12.37 -1.55 -2.91
CA ILE B 44 -12.39 -2.95 -3.30
C ILE B 44 -10.97 -3.49 -3.37
N TRP B 45 -10.07 -2.68 -3.94
CA TRP B 45 -8.65 -3.08 -3.94
C TRP B 45 -8.13 -3.30 -2.52
N GLU B 46 -8.49 -2.41 -1.59
CA GLU B 46 -8.05 -2.55 -0.21
C GLU B 46 -8.55 -3.85 0.40
N LYS B 47 -9.79 -4.23 0.09
CA LYS B 47 -10.35 -5.48 0.62
C LYS B 47 -9.61 -6.70 0.09
N VAL B 48 -9.38 -6.78 -1.22
CA VAL B 48 -8.70 -8.00 -1.69
C VAL B 48 -7.24 -7.97 -1.28
N GLN B 49 -6.63 -6.78 -1.19
CA GLN B 49 -5.26 -6.68 -0.72
C GLN B 49 -5.15 -7.23 0.68
N ARG B 50 -6.06 -6.82 1.57
CA ARG B 50 -6.03 -7.31 2.94
C ARG B 50 -6.19 -8.82 2.98
N PHE B 51 -7.13 -9.36 2.18
CA PHE B 51 -7.31 -10.81 2.16
C PHE B 51 -6.02 -11.52 1.75
N PHE B 52 -5.48 -11.13 0.59
CA PHE B 52 -4.31 -11.84 0.07
C PHE B 52 -3.11 -11.66 0.99
N ASP B 53 -2.92 -10.44 1.48
CA ASP B 53 -1.78 -10.17 2.35
C ASP B 53 -1.84 -10.99 3.63
N ASP B 54 -3.02 -11.06 4.26
CA ASP B 54 -3.16 -11.90 5.44
C ASP B 54 -2.82 -13.36 5.14
N GLU B 55 -3.26 -13.86 3.95
CA GLU B 55 -2.99 -15.27 3.63
C GLU B 55 -1.50 -15.54 3.35
N ILE B 56 -0.84 -14.66 2.59
CA ILE B 56 0.58 -14.97 2.31
C ILE B 56 1.42 -14.78 3.56
N LYS B 57 1.02 -13.87 4.47
CA LYS B 57 1.72 -13.80 5.75
C LYS B 57 1.60 -15.11 6.51
N LYS B 58 0.43 -15.76 6.45
CA LYS B 58 0.35 -17.10 7.05
C LYS B 58 1.35 -18.07 6.42
N MET B 59 1.72 -17.85 5.15
CA MET B 59 2.71 -18.73 4.56
C MET B 59 4.15 -18.31 4.84
N GLY B 60 4.37 -17.26 5.63
CA GLY B 60 5.73 -16.82 5.91
C GLY B 60 6.32 -15.89 4.87
N VAL B 61 5.52 -15.39 3.93
CA VAL B 61 5.97 -14.36 3.00
C VAL B 61 5.94 -13.02 3.72
N GLU B 62 7.00 -12.23 3.54
CA GLU B 62 7.15 -10.93 4.17
C GLU B 62 7.20 -9.83 3.13
N ASN B 63 6.55 -8.71 3.43
CA ASN B 63 6.56 -7.60 2.50
C ASN B 63 7.86 -6.81 2.56
N SER B 64 8.12 -6.07 1.49
CA SER B 64 9.36 -5.33 1.31
C SER B 64 9.06 -4.18 0.36
N TYR B 65 10.06 -3.35 0.08
CA TYR B 65 9.88 -2.36 -0.97
C TYR B 65 11.21 -2.12 -1.66
N PHE B 66 11.23 -2.40 -2.97
CA PHE B 66 12.38 -2.20 -3.80
C PHE B 66 12.19 -0.94 -4.65
N PRO B 67 13.27 -0.31 -5.09
CA PRO B 67 13.15 0.96 -5.83
C PRO B 67 12.34 0.80 -7.11
N MET B 68 11.70 1.89 -7.52
CA MET B 68 10.95 1.90 -8.77
C MET B 68 11.84 2.08 -9.99
N PHE B 69 13.13 2.36 -9.80
CA PHE B 69 14.05 2.63 -10.91
C PHE B 69 15.01 1.47 -11.06
N VAL B 70 15.36 1.17 -12.31
CA VAL B 70 16.39 0.19 -12.62
C VAL B 70 17.33 0.79 -13.66
N SER B 71 18.64 0.56 -13.47
CA SER B 71 19.63 1.10 -14.37
C SER B 71 19.54 0.42 -15.74
N ARG B 72 19.96 1.15 -16.78
CA ARG B 72 19.84 0.64 -18.14
C ARG B 72 20.49 -0.73 -18.28
N HIS B 73 21.73 -0.85 -17.79
CA HIS B 73 22.47 -2.08 -18.01
C HIS B 73 21.94 -3.23 -17.15
N LYS B 74 21.35 -2.93 -16.00
CA LYS B 74 20.80 -4.03 -15.19
C LYS B 74 19.49 -4.56 -15.77
N LEU B 75 18.73 -3.70 -16.47
CA LEU B 75 17.50 -4.17 -17.12
C LEU B 75 17.82 -5.10 -18.28
N GLU B 76 18.92 -4.86 -18.99
CA GLU B 76 19.33 -5.74 -20.09
C GLU B 76 19.75 -7.11 -19.56
N GLU B 88 8.99 -1.61 -24.22
CA GLU B 88 8.18 -0.45 -23.96
C GLU B 88 8.31 -0.06 -22.49
N VAL B 89 9.48 0.45 -22.18
CA VAL B 89 9.83 0.86 -20.88
C VAL B 89 9.92 2.35 -20.87
N ALA B 90 9.42 2.98 -19.82
CA ALA B 90 9.51 4.40 -19.71
C ALA B 90 10.90 4.76 -19.20
N TRP B 91 11.56 5.65 -19.89
CA TRP B 91 12.93 6.02 -19.55
C TRP B 91 12.95 7.43 -18.98
N VAL B 92 13.49 7.57 -17.76
CA VAL B 92 13.83 8.88 -17.21
C VAL B 92 15.21 9.27 -17.72
N THR B 93 15.32 10.47 -18.27
CA THR B 93 16.58 10.96 -18.80
C THR B 93 17.07 12.26 -18.16
N HIS B 94 16.21 13.00 -17.46
CA HIS B 94 16.59 14.30 -16.95
C HIS B 94 16.00 14.52 -15.57
N TYR B 95 16.74 15.26 -14.75
CA TYR B 95 16.20 15.87 -13.55
C TYR B 95 16.32 17.37 -13.71
N GLY B 96 15.20 18.08 -13.55
CA GLY B 96 15.17 19.48 -13.94
C GLY B 96 15.46 19.59 -15.42
N ASP B 97 16.39 20.47 -15.78
CA ASP B 97 16.86 20.54 -17.16
C ASP B 97 18.19 19.82 -17.36
N SER B 98 18.71 19.14 -16.33
CA SER B 98 20.04 18.53 -16.39
C SER B 98 19.92 17.05 -16.69
N PRO B 99 20.59 16.56 -17.75
CA PRO B 99 20.52 15.13 -18.07
C PRO B 99 21.23 14.29 -17.03
N LEU B 100 20.72 13.06 -16.86
CA LEU B 100 21.34 12.06 -16.01
C LEU B 100 22.58 11.49 -16.68
N PRO B 101 23.58 11.05 -15.90
CA PRO B 101 24.76 10.41 -16.51
C PRO B 101 24.39 9.20 -17.35
N GLU B 102 23.44 8.40 -16.88
CA GLU B 102 22.87 7.29 -17.61
C GLU B 102 21.37 7.34 -17.41
N LYS B 103 20.60 6.97 -18.42
CA LYS B 103 19.16 6.97 -18.29
C LYS B 103 18.72 5.78 -17.45
N ILE B 104 17.60 5.94 -16.73
CA ILE B 104 17.08 4.91 -15.85
C ILE B 104 15.62 4.63 -16.20
N ALA B 105 15.21 3.37 -16.03
CA ALA B 105 13.89 2.90 -16.39
C ALA B 105 13.00 2.75 -15.17
N ILE B 106 11.71 2.99 -15.37
CA ILE B 106 10.72 2.68 -14.34
C ILE B 106 10.36 1.20 -14.46
N ARG B 107 10.22 0.53 -13.30
CA ARG B 107 10.05 -0.93 -13.29
C ARG B 107 8.83 -1.34 -14.11
N PRO B 108 8.97 -2.29 -15.03
CA PRO B 108 7.81 -2.99 -15.59
C PRO B 108 7.44 -4.21 -14.78
N THR B 109 8.34 -4.64 -13.90
CA THR B 109 8.32 -5.81 -13.03
C THR B 109 9.70 -5.78 -12.39
N SER B 110 9.95 -6.53 -11.31
CA SER B 110 11.11 -6.20 -10.49
C SER B 110 12.18 -7.30 -10.43
N GLU B 111 12.15 -8.28 -11.35
CA GLU B 111 13.19 -9.32 -11.38
C GLU B 111 14.59 -8.71 -11.38
N THR B 112 14.86 -7.78 -12.30
CA THR B 112 16.21 -7.27 -12.41
C THR B 112 16.60 -6.40 -11.22
N ILE B 113 15.62 -5.91 -10.47
CA ILE B 113 15.86 -5.09 -9.28
C ILE B 113 16.07 -5.96 -8.04
N MET B 114 15.36 -7.08 -7.95
CA MET B 114 15.38 -7.92 -6.75
C MET B 114 16.44 -9.02 -6.78
N TYR B 115 16.64 -9.68 -7.93
CA TYR B 115 17.42 -10.92 -7.90
C TYR B 115 18.92 -10.72 -7.64
N PRO B 116 19.54 -9.59 -7.99
CA PRO B 116 20.93 -9.39 -7.52
C PRO B 116 21.02 -9.34 -6.00
N ALA B 117 20.00 -8.75 -5.35
CA ALA B 117 19.97 -8.75 -3.90
C ALA B 117 19.79 -10.16 -3.36
N TYR B 118 19.00 -10.97 -4.01
CA TYR B 118 18.82 -12.34 -3.61
C TYR B 118 20.16 -13.09 -3.70
N ALA B 119 20.93 -12.79 -4.71
CA ALA B 119 22.22 -13.45 -4.87
C ALA B 119 23.15 -13.13 -3.71
N LYS B 120 23.13 -11.89 -3.28
CA LYS B 120 23.89 -11.47 -2.13
C LYS B 120 23.43 -12.08 -0.85
N TRP B 121 22.13 -12.11 -0.64
CA TRP B 121 21.53 -12.64 0.58
C TRP B 121 21.61 -14.09 0.83
N ILE B 122 21.56 -14.88 -0.22
CA ILE B 122 21.56 -16.30 -0.07
C ILE B 122 22.99 -16.88 -0.18
N ARG B 123 23.45 -17.60 0.81
CA ARG B 123 24.80 -18.18 0.81
C ARG B 123 24.78 -19.65 1.14
N SER B 124 23.84 -20.03 1.99
CA SER B 124 23.80 -21.36 2.60
C SER B 124 22.37 -21.86 2.61
N HIS B 125 22.22 -23.13 2.84
CA HIS B 125 20.95 -23.71 2.90
C HIS B 125 20.15 -23.17 4.05
N ARG B 126 20.81 -22.71 5.07
CA ARG B 126 20.13 -22.15 6.22
C ARG B 126 19.40 -20.84 5.87
N ASP B 127 19.73 -20.22 4.73
CA ASP B 127 19.09 -18.98 4.29
C ASP B 127 17.80 -19.21 3.53
N LEU B 128 17.40 -20.46 3.32
CA LEU B 128 16.27 -20.78 2.48
C LEU B 128 15.19 -21.48 3.29
N PRO B 129 13.91 -21.35 2.88
CA PRO B 129 13.46 -20.58 1.72
C PRO B 129 13.46 -19.07 2.00
N LEU B 130 13.59 -18.26 0.97
CA LEU B 130 13.45 -16.81 1.08
C LEU B 130 12.16 -16.40 0.37
N LYS B 131 11.30 -15.66 1.07
CA LYS B 131 9.95 -15.41 0.56
C LYS B 131 9.60 -13.94 0.72
N LEU B 132 9.59 -13.16 -0.38
CA LEU B 132 9.29 -11.74 -0.31
C LEU B 132 8.11 -11.40 -1.22
N ASN B 133 7.39 -10.34 -0.86
CA ASN B 133 6.31 -9.80 -1.67
C ASN B 133 6.47 -8.29 -1.67
N GLN B 134 5.97 -7.62 -2.72
CA GLN B 134 5.78 -6.18 -2.57
C GLN B 134 4.50 -5.75 -3.26
N TRP B 135 3.85 -4.78 -2.64
CA TRP B 135 2.71 -4.08 -3.20
C TRP B 135 3.24 -2.79 -3.80
N CYS B 136 3.02 -2.58 -5.09
CA CYS B 136 3.50 -1.34 -5.69
C CYS B 136 2.75 -1.12 -7.01
N SER B 137 3.20 -0.15 -7.79
CA SER B 137 2.69 0.03 -9.13
C SER B 137 3.83 -0.22 -10.10
N VAL B 138 3.47 -0.66 -11.32
CA VAL B 138 4.44 -0.81 -12.39
C VAL B 138 3.91 -0.11 -13.64
N VAL B 139 4.83 0.12 -14.57
CA VAL B 139 4.58 0.90 -15.77
C VAL B 139 4.93 0.03 -16.97
N ARG B 140 3.98 -0.13 -17.89
CA ARG B 140 4.20 -0.84 -19.14
C ARG B 140 3.63 0.07 -20.22
N TRP B 141 4.52 0.76 -20.92
CA TRP B 141 4.13 1.86 -21.80
C TRP B 141 3.91 1.35 -23.23
N GLU B 142 2.89 0.52 -23.38
CA GLU B 142 2.51 0.06 -24.71
C GLU B 142 1.75 1.14 -25.45
N PHE B 143 1.93 1.17 -26.77
CA PHE B 143 1.28 2.20 -27.58
C PHE B 143 -0.14 1.86 -27.99
N LYS B 144 -0.62 0.64 -27.73
CA LYS B 144 -1.99 0.30 -28.11
C LYS B 144 -3.00 0.99 -27.20
N GLN B 145 -4.26 0.95 -27.60
CA GLN B 145 -5.28 1.68 -26.86
C GLN B 145 -5.57 1.00 -25.53
N PRO B 146 -5.68 1.77 -24.45
CA PRO B 146 -5.89 1.17 -23.13
C PRO B 146 -7.33 0.80 -22.87
N THR B 147 -7.50 -0.09 -21.90
CA THR B 147 -8.81 -0.48 -21.37
C THR B 147 -8.76 -0.30 -19.87
N PRO B 148 -9.57 0.59 -19.29
CA PRO B 148 -9.52 0.83 -17.85
C PRO B 148 -9.59 -0.48 -17.08
N PHE B 149 -8.72 -0.58 -16.06
CA PHE B 149 -8.53 -1.75 -15.20
C PHE B 149 -7.85 -2.91 -15.92
N LEU B 150 -8.29 -3.23 -17.14
CA LEU B 150 -7.85 -4.47 -17.77
C LEU B 150 -6.46 -4.35 -18.38
N ARG B 151 -6.17 -3.25 -19.10
CA ARG B 151 -4.92 -3.06 -19.83
C ARG B 151 -4.57 -1.58 -19.76
N THR B 152 -3.67 -1.22 -18.84
CA THR B 152 -3.36 0.16 -18.54
C THR B 152 -1.85 0.35 -18.50
N ARG B 153 -1.41 1.59 -18.70
CA ARG B 153 0.03 1.83 -18.75
C ARG B 153 0.67 1.84 -17.37
N GLU B 154 -0.03 2.33 -16.36
CA GLU B 154 0.37 2.17 -14.97
C GLU B 154 -0.69 1.33 -14.27
N PHE B 155 -0.25 0.36 -13.47
CA PHE B 155 -1.24 -0.32 -12.64
C PHE B 155 -0.64 -0.75 -11.32
N LEU B 156 -1.50 -0.88 -10.33
CA LEU B 156 -1.14 -1.42 -9.03
C LEU B 156 -1.12 -2.93 -9.08
N TRP B 157 -0.18 -3.54 -8.35
CA TRP B 157 -0.17 -4.98 -8.25
C TRP B 157 0.53 -5.40 -6.97
N GLN B 158 0.65 -6.69 -6.83
CA GLN B 158 1.59 -7.29 -5.93
C GLN B 158 2.39 -8.31 -6.73
N GLU B 159 3.66 -8.36 -6.48
CA GLU B 159 4.54 -9.38 -7.04
C GLU B 159 5.27 -10.08 -5.91
N GLY B 160 5.08 -11.40 -5.82
CA GLY B 160 5.80 -12.24 -4.89
C GLY B 160 6.93 -12.96 -5.61
N HIS B 161 8.06 -13.10 -4.91
CA HIS B 161 9.26 -13.75 -5.44
C HIS B 161 9.87 -14.60 -4.35
N THR B 162 9.99 -15.91 -4.58
CA THR B 162 10.55 -16.80 -3.56
C THR B 162 11.65 -17.66 -4.15
N ALA B 163 12.43 -18.23 -3.24
CA ALA B 163 13.58 -19.08 -3.58
C ALA B 163 13.64 -20.22 -2.59
N HIS B 164 13.87 -21.44 -3.09
CA HIS B 164 13.81 -22.66 -2.28
C HIS B 164 15.00 -23.55 -2.61
N ALA B 165 15.27 -24.49 -1.71
CA ALA B 165 16.34 -25.44 -1.91
C ALA B 165 15.98 -26.56 -2.87
N THR B 166 14.69 -26.85 -3.07
CA THR B 166 14.27 -27.93 -3.95
C THR B 166 13.16 -27.49 -4.87
N GLU B 167 13.08 -28.17 -6.02
CA GLU B 167 11.98 -27.96 -6.97
C GLU B 167 10.64 -28.28 -6.34
N GLU B 168 10.57 -29.35 -5.55
CA GLU B 168 9.31 -29.78 -4.96
CA GLU B 168 9.29 -29.77 -4.99
C GLU B 168 8.70 -28.69 -4.09
N GLU B 169 9.52 -28.02 -3.28
CA GLU B 169 9.00 -27.01 -2.35
C GLU B 169 8.54 -25.77 -3.10
N ALA B 170 9.29 -25.36 -4.12
CA ALA B 170 8.88 -24.25 -4.97
C ALA B 170 7.54 -24.54 -5.65
N TRP B 171 7.38 -25.75 -6.21
CA TRP B 171 6.13 -26.12 -6.88
C TRP B 171 4.96 -26.12 -5.91
N GLU B 172 5.18 -26.64 -4.70
CA GLU B 172 4.15 -26.59 -3.67
C GLU B 172 3.68 -25.16 -3.41
N LEU B 173 4.64 -24.23 -3.31
CA LEU B 173 4.26 -22.83 -3.10
C LEU B 173 3.53 -22.27 -4.32
N VAL B 174 4.00 -22.57 -5.53
CA VAL B 174 3.31 -22.12 -6.73
C VAL B 174 1.83 -22.44 -6.64
N LEU B 175 1.52 -23.67 -6.27
CA LEU B 175 0.13 -24.12 -6.24
C LEU B 175 -0.65 -23.51 -5.06
N ASP B 176 0.00 -23.32 -3.91
CA ASP B 176 -0.66 -22.63 -2.80
C ASP B 176 -1.02 -21.19 -3.18
N ILE B 177 -0.11 -20.50 -3.87
CA ILE B 177 -0.43 -19.13 -4.29
C ILE B 177 -1.55 -19.14 -5.33
N LEU B 178 -1.50 -20.07 -6.29
CA LEU B 178 -2.59 -20.14 -7.27
C LEU B 178 -3.94 -20.35 -6.60
N GLU B 179 -3.98 -21.19 -5.57
CA GLU B 179 -5.22 -21.40 -4.82
C GLU B 179 -5.68 -20.12 -4.11
N LEU B 180 -4.73 -19.35 -3.57
CA LEU B 180 -5.13 -18.06 -2.99
C LEU B 180 -5.69 -17.12 -4.05
N TYR B 181 -5.17 -17.19 -5.28
CA TYR B 181 -5.73 -16.35 -6.35
C TYR B 181 -7.13 -16.81 -6.72
N ARG B 182 -7.35 -18.13 -6.78
CA ARG B 182 -8.72 -18.63 -6.92
C ARG B 182 -9.62 -18.06 -5.84
N ARG B 183 -9.14 -17.97 -4.60
CA ARG B 183 -10.02 -17.47 -3.53
C ARG B 183 -10.24 -15.96 -3.66
N TRP B 184 -9.20 -15.20 -3.99
CA TRP B 184 -9.33 -13.78 -4.30
C TRP B 184 -10.47 -13.55 -5.27
N TYR B 185 -10.49 -14.31 -6.36
CA TYR B 185 -11.53 -14.08 -7.36
C TYR B 185 -12.88 -14.66 -6.96
N GLU B 186 -12.90 -15.91 -6.50
CA GLU B 186 -14.15 -16.62 -6.31
C GLU B 186 -14.80 -16.30 -4.96
N GLU B 187 -14.01 -16.14 -3.91
CA GLU B 187 -14.57 -15.88 -2.58
C GLU B 187 -14.74 -14.40 -2.30
N CYS B 188 -13.83 -13.54 -2.77
CA CYS B 188 -14.03 -12.09 -2.56
C CYS B 188 -14.86 -11.46 -3.66
N LEU B 189 -14.52 -11.70 -4.91
CA LEU B 189 -15.13 -11.01 -6.03
C LEU B 189 -16.27 -11.77 -6.70
N ALA B 190 -16.59 -12.99 -6.23
CA ALA B 190 -17.65 -13.83 -6.81
C ALA B 190 -17.44 -14.08 -8.30
N VAL B 191 -16.18 -14.12 -8.75
CA VAL B 191 -15.86 -14.37 -10.16
C VAL B 191 -15.34 -15.80 -10.28
N PRO B 192 -15.97 -16.67 -11.06
CA PRO B 192 -15.40 -18.01 -11.30
C PRO B 192 -14.18 -17.94 -12.21
N VAL B 193 -13.16 -18.74 -11.89
CA VAL B 193 -11.96 -18.81 -12.69
C VAL B 193 -11.57 -20.27 -12.89
N ILE B 194 -10.74 -20.51 -13.90
CA ILE B 194 -10.28 -21.84 -14.25
C ILE B 194 -8.78 -21.92 -13.98
N LYS B 195 -8.36 -22.90 -13.17
CA LYS B 195 -6.93 -23.14 -12.95
C LYS B 195 -6.34 -23.92 -14.11
N GLY B 196 -5.15 -23.53 -14.55
CA GLY B 196 -4.52 -24.25 -15.64
C GLY B 196 -3.06 -23.90 -15.77
N GLU B 197 -2.46 -24.48 -16.79
CA GLU B 197 -1.06 -24.29 -17.11
C GLU B 197 -1.00 -23.62 -18.48
N LYS B 198 -0.09 -22.68 -18.64
CA LYS B 198 0.08 -22.01 -19.92
C LYS B 198 0.81 -22.91 -20.91
N SER B 199 0.50 -22.73 -22.20
CA SER B 199 1.25 -23.41 -23.25
C SER B 199 2.70 -22.92 -23.26
N GLU B 200 3.56 -23.72 -23.91
CA GLU B 200 4.97 -23.37 -24.01
C GLU B 200 5.15 -21.99 -24.64
N GLY B 201 4.35 -21.67 -25.66
CA GLY B 201 4.48 -20.37 -26.31
C GLY B 201 3.88 -19.21 -25.54
N GLU B 202 3.00 -19.50 -24.58
CA GLU B 202 2.34 -18.45 -23.81
C GLU B 202 2.90 -18.31 -22.40
N LYS B 203 3.76 -19.20 -21.95
CA LYS B 203 4.27 -19.11 -20.59
C LYS B 203 5.31 -17.99 -20.49
N PHE B 204 5.61 -17.60 -19.26
CA PHE B 204 6.68 -16.65 -19.01
C PHE B 204 8.01 -17.22 -19.52
N ALA B 205 8.58 -16.58 -20.54
CA ALA B 205 9.89 -17.01 -21.00
C ALA B 205 10.92 -16.77 -19.90
N GLY B 206 11.85 -17.71 -19.73
CA GLY B 206 12.73 -17.62 -18.60
C GLY B 206 12.17 -18.16 -17.31
N GLY B 207 10.94 -18.69 -17.34
CA GLY B 207 10.45 -19.58 -16.31
C GLY B 207 10.39 -20.99 -16.87
N LYS B 208 10.15 -21.95 -15.97
CA LYS B 208 9.97 -23.34 -16.37
C LYS B 208 8.52 -23.65 -16.72
N LYS B 209 7.58 -23.28 -15.84
CA LYS B 209 6.17 -23.57 -16.01
C LYS B 209 5.36 -22.42 -15.42
N THR B 210 4.37 -21.95 -16.16
CA THR B 210 3.47 -20.89 -15.72
C THR B 210 2.08 -21.48 -15.47
N THR B 211 1.59 -21.35 -14.24
CA THR B 211 0.20 -21.66 -13.93
C THR B 211 -0.60 -20.36 -13.85
N THR B 212 -1.91 -20.50 -14.06
CA THR B 212 -2.74 -19.33 -14.27
C THR B 212 -4.16 -19.65 -13.78
N VAL B 213 -4.89 -18.60 -13.44
CA VAL B 213 -6.34 -18.66 -13.37
C VAL B 213 -6.88 -17.76 -14.45
N GLU B 214 -7.82 -18.29 -15.22
CA GLU B 214 -8.39 -17.60 -16.38
C GLU B 214 -9.85 -17.30 -16.12
N ALA B 215 -10.30 -16.15 -16.61
CA ALA B 215 -11.70 -15.76 -16.55
C ALA B 215 -12.24 -15.55 -17.96
N PHE B 216 -13.56 -15.38 -18.06
CA PHE B 216 -14.24 -15.31 -19.34
C PHE B 216 -15.20 -14.14 -19.33
N ILE B 217 -15.21 -13.35 -20.39
CA ILE B 217 -16.12 -12.21 -20.57
C ILE B 217 -17.13 -12.61 -21.65
N PRO B 218 -18.33 -13.01 -21.25
CA PRO B 218 -19.32 -13.51 -22.22
C PRO B 218 -19.73 -12.49 -23.27
N GLU B 219 -19.76 -11.21 -22.92
CA GLU B 219 -20.31 -10.20 -23.81
C GLU B 219 -19.46 -10.01 -25.06
N ASN B 220 -18.15 -10.26 -24.97
CA ASN B 220 -17.35 -10.24 -26.19
C ASN B 220 -16.65 -11.57 -26.45
N GLY B 221 -16.96 -12.62 -25.67
CA GLY B 221 -16.40 -13.93 -25.91
C GLY B 221 -14.93 -14.05 -25.60
N ARG B 222 -14.39 -13.16 -24.79
CA ARG B 222 -12.95 -13.11 -24.62
C ARG B 222 -12.52 -13.79 -23.33
N GLY B 223 -11.47 -14.59 -23.41
CA GLY B 223 -10.78 -15.01 -22.20
C GLY B 223 -9.84 -13.92 -21.71
N ILE B 224 -9.54 -13.93 -20.42
CA ILE B 224 -8.58 -12.98 -19.86
C ILE B 224 -7.85 -13.64 -18.71
N GLN B 225 -6.53 -13.48 -18.68
CA GLN B 225 -5.78 -14.03 -17.56
C GLN B 225 -6.04 -13.19 -16.31
N ALA B 226 -6.41 -13.84 -15.21
CA ALA B 226 -6.80 -13.18 -13.98
C ALA B 226 -5.67 -13.04 -12.97
N ALA B 227 -4.74 -14.01 -12.91
CA ALA B 227 -3.57 -13.95 -12.04
C ALA B 227 -2.61 -15.04 -12.52
N THR B 228 -1.39 -15.04 -11.99
CA THR B 228 -0.40 -15.95 -12.52
C THR B 228 0.60 -16.36 -11.44
N SER B 229 1.11 -17.58 -11.58
CA SER B 229 2.02 -18.11 -10.55
C SER B 229 3.02 -19.00 -11.30
N HIS B 230 4.30 -18.60 -11.29
CA HIS B 230 5.31 -19.24 -12.13
C HIS B 230 6.23 -20.11 -11.29
N LEU B 231 6.45 -21.34 -11.74
CA LEU B 231 7.62 -22.13 -11.34
C LEU B 231 8.78 -21.71 -12.24
N LEU B 232 9.69 -20.92 -11.69
CA LEU B 232 10.81 -20.40 -12.45
C LEU B 232 11.94 -21.40 -12.57
N GLY B 233 11.98 -22.38 -11.66
CA GLY B 233 13.07 -23.33 -11.84
C GLY B 233 14.40 -22.69 -11.44
N THR B 234 15.48 -23.09 -12.11
CA THR B 234 16.82 -22.60 -11.77
C THR B 234 17.39 -21.62 -12.79
N ASN B 235 16.61 -21.24 -13.80
CA ASN B 235 17.19 -20.43 -14.87
C ASN B 235 17.57 -19.03 -14.38
N PHE B 236 16.73 -18.42 -13.53
CA PHE B 236 17.10 -17.13 -12.98
C PHE B 236 18.25 -17.25 -12.00
N ALA B 237 18.32 -18.36 -11.24
CA ALA B 237 19.45 -18.58 -10.35
C ALA B 237 20.76 -18.61 -11.12
N LYS B 238 20.78 -19.29 -12.26
CA LYS B 238 22.03 -19.34 -13.01
C LYS B 238 22.32 -17.99 -13.65
N MET B 239 21.27 -17.28 -14.08
CA MET B 239 21.51 -15.98 -14.70
C MET B 239 22.02 -14.96 -13.69
N PHE B 240 21.52 -14.99 -12.46
CA PHE B 240 21.90 -14.02 -11.44
C PHE B 240 22.88 -14.59 -10.41
N GLU B 241 23.31 -15.83 -10.58
CA GLU B 241 24.27 -16.48 -9.67
C GLU B 241 23.70 -16.55 -8.25
N ILE B 242 22.44 -16.96 -8.14
CA ILE B 242 21.83 -17.18 -6.83
C ILE B 242 22.09 -18.64 -6.47
N GLU B 243 23.16 -18.87 -5.70
CA GLU B 243 23.58 -20.21 -5.29
C GLU B 243 23.67 -20.30 -3.77
N PHE B 244 23.55 -21.52 -3.26
CA PHE B 244 23.72 -21.79 -1.83
C PHE B 244 24.56 -23.03 -1.63
N GLU B 245 25.24 -23.10 -0.49
CA GLU B 245 25.96 -24.30 -0.09
C GLU B 245 25.01 -25.23 0.67
N ASP B 246 24.96 -26.50 0.27
CA ASP B 246 24.01 -27.42 0.89
C ASP B 246 24.59 -28.04 2.16
N GLU B 247 23.85 -28.98 2.75
CA GLU B 247 24.28 -29.59 4.02
C GLU B 247 25.57 -30.39 3.86
N GLU B 248 25.92 -30.78 2.64
CA GLU B 248 27.17 -31.51 2.41
C GLU B 248 28.29 -30.60 1.87
N GLY B 249 28.04 -29.30 1.76
CA GLY B 249 29.09 -28.38 1.36
C GLY B 249 29.18 -28.12 -0.12
N HIS B 250 28.20 -28.55 -0.92
CA HIS B 250 28.26 -28.35 -2.36
C HIS B 250 27.40 -27.16 -2.77
N LYS B 251 27.87 -26.43 -3.78
CA LYS B 251 27.09 -25.31 -4.29
C LYS B 251 25.95 -25.81 -5.18
N ARG B 252 24.75 -25.25 -4.97
CA ARG B 252 23.54 -25.62 -5.69
C ARG B 252 22.79 -24.35 -6.07
N LEU B 253 22.06 -24.42 -7.17
CA LEU B 253 21.20 -23.30 -7.57
C LEU B 253 19.87 -23.35 -6.83
N VAL B 254 19.35 -22.18 -6.48
CA VAL B 254 18.02 -22.13 -5.87
C VAL B 254 16.95 -22.38 -6.93
N HIS B 255 15.76 -22.77 -6.47
CA HIS B 255 14.60 -23.01 -7.32
C HIS B 255 13.59 -21.92 -7.00
N GLN B 256 13.21 -21.13 -7.99
CA GLN B 256 12.50 -19.88 -7.72
C GLN B 256 11.06 -19.93 -8.23
N THR B 257 10.26 -19.06 -7.60
CA THR B 257 8.89 -18.76 -8.04
C THR B 257 8.66 -17.26 -8.09
N SER B 258 7.66 -16.87 -8.86
CA SER B 258 7.12 -15.52 -8.76
C SER B 258 5.66 -15.58 -9.18
N TRP B 259 4.90 -14.62 -8.69
CA TRP B 259 3.48 -14.64 -8.83
C TRP B 259 2.92 -13.22 -8.75
N GLY B 260 1.91 -12.89 -9.52
CA GLY B 260 1.39 -11.54 -9.42
C GLY B 260 -0.09 -11.46 -9.71
N CYS B 261 -0.68 -10.38 -9.21
CA CYS B 261 -2.09 -10.11 -9.48
C CYS B 261 -2.32 -8.60 -9.37
N THR B 262 -3.22 -8.07 -10.20
CA THR B 262 -3.30 -6.62 -10.39
C THR B 262 -4.75 -6.12 -10.19
N THR B 263 -4.89 -4.80 -10.33
CA THR B 263 -6.21 -4.18 -10.35
C THR B 263 -7.06 -4.59 -11.55
N ARG B 264 -6.50 -5.34 -12.51
CA ARG B 264 -7.33 -6.02 -13.49
C ARG B 264 -8.49 -6.76 -12.83
N SER B 265 -8.25 -7.34 -11.65
CA SER B 265 -9.29 -8.11 -10.98
C SER B 265 -10.56 -7.29 -10.80
N LEU B 266 -10.43 -5.99 -10.48
CA LEU B 266 -11.62 -5.16 -10.33
C LEU B 266 -12.41 -5.06 -11.64
N GLY B 267 -11.69 -4.81 -12.74
CA GLY B 267 -12.31 -4.81 -14.04
C GLY B 267 -13.09 -6.09 -14.31
N VAL B 268 -12.48 -7.23 -13.99
CA VAL B 268 -13.17 -8.48 -14.27
C VAL B 268 -14.42 -8.57 -13.42
N MET B 269 -14.32 -8.15 -12.15
CA MET B 269 -15.51 -8.17 -11.30
C MET B 269 -16.59 -7.27 -11.89
N ILE B 270 -16.22 -6.07 -12.35
CA ILE B 270 -17.21 -5.15 -12.91
C ILE B 270 -17.90 -5.78 -14.10
N MET B 271 -17.13 -6.43 -14.97
CA MET B 271 -17.72 -6.95 -16.20
C MET B 271 -18.55 -8.17 -15.90
N THR B 272 -18.19 -8.92 -14.85
CA THR B 272 -18.88 -10.16 -14.61
C THR B 272 -20.28 -9.90 -14.07
N HIS B 273 -20.42 -8.99 -13.11
CA HIS B 273 -21.70 -8.85 -12.41
C HIS B 273 -22.55 -7.68 -12.88
N GLY B 274 -22.03 -6.79 -13.73
CA GLY B 274 -22.81 -5.62 -14.11
C GLY B 274 -24.04 -5.99 -14.93
N ASP B 275 -25.03 -5.09 -14.93
CA ASP B 275 -26.19 -5.26 -15.80
C ASP B 275 -26.49 -3.95 -16.52
N ASP B 276 -27.66 -3.86 -17.18
CA ASP B 276 -27.97 -2.65 -17.95
C ASP B 276 -28.06 -1.42 -17.06
N LYS B 277 -28.40 -1.58 -15.79
CA LYS B 277 -28.53 -0.44 -14.90
C LYS B 277 -27.18 0.08 -14.39
N GLY B 278 -26.12 -0.71 -14.52
CA GLY B 278 -24.81 -0.30 -14.05
C GLY B 278 -24.10 -1.38 -13.27
N LEU B 279 -23.32 -0.99 -12.27
CA LEU B 279 -22.53 -1.95 -11.52
C LEU B 279 -23.40 -2.73 -10.55
N VAL B 280 -22.89 -3.90 -10.18
CA VAL B 280 -23.38 -4.72 -9.08
C VAL B 280 -22.14 -5.18 -8.32
N ILE B 281 -21.95 -4.74 -7.09
CA ILE B 281 -20.74 -5.06 -6.32
C ILE B 281 -21.06 -6.18 -5.33
N PRO B 282 -20.28 -7.27 -5.31
CA PRO B 282 -20.51 -8.31 -4.31
C PRO B 282 -20.42 -7.75 -2.91
N PRO B 283 -21.33 -8.16 -2.02
CA PRO B 283 -21.34 -7.60 -0.66
C PRO B 283 -20.02 -7.75 0.09
N ARG B 284 -19.25 -8.80 -0.18
CA ARG B 284 -18.01 -8.98 0.56
C ARG B 284 -16.98 -7.88 0.29
N VAL B 285 -17.05 -7.19 -0.85
CA VAL B 285 -16.06 -6.16 -1.14
C VAL B 285 -16.66 -4.76 -1.26
N ALA B 286 -17.98 -4.60 -1.17
CA ALA B 286 -18.60 -3.30 -1.40
C ALA B 286 -18.22 -2.27 -0.34
N SER B 287 -17.82 -1.07 -0.78
CA SER B 287 -17.53 0.02 0.14
C SER B 287 -18.71 0.29 1.05
N VAL B 288 -19.90 0.35 0.48
CA VAL B 288 -21.14 0.43 1.24
C VAL B 288 -21.94 -0.81 0.92
N GLN B 289 -22.35 -1.54 1.96
CA GLN B 289 -23.18 -2.71 1.73
C GLN B 289 -24.66 -2.34 1.72
N VAL B 290 -25.07 -1.42 2.59
CA VAL B 290 -26.46 -0.99 2.69
C VAL B 290 -26.49 0.53 2.63
N VAL B 291 -27.18 1.10 1.65
CA VAL B 291 -27.43 2.54 1.65
C VAL B 291 -28.83 2.78 2.18
N ILE B 292 -28.95 3.67 3.17
CA ILE B 292 -30.22 4.10 3.73
C ILE B 292 -30.63 5.38 3.02
N ILE B 293 -31.82 5.35 2.41
CA ILE B 293 -32.34 6.49 1.65
C ILE B 293 -33.58 7.00 2.39
N PRO B 294 -33.52 8.19 2.98
CA PRO B 294 -34.72 8.74 3.59
C PRO B 294 -35.63 9.31 2.51
N ILE B 295 -36.92 9.06 2.66
CA ILE B 295 -37.90 9.54 1.70
C ILE B 295 -38.33 10.92 2.20
N LEU B 296 -37.52 11.89 1.85
CA LEU B 296 -37.76 13.25 2.14
C LEU B 296 -37.70 14.02 0.88
N PHE B 297 -38.28 15.18 0.93
CA PHE B 297 -38.30 16.09 -0.18
C PHE B 297 -37.70 17.42 0.30
N LYS B 298 -37.47 18.37 -0.60
CA LYS B 298 -36.80 19.63 -0.23
C LYS B 298 -37.43 20.35 0.95
N ASP B 299 -36.54 20.93 1.72
CA ASP B 299 -36.80 21.50 3.02
C ASP B 299 -37.20 20.25 3.81
N GLU B 300 -38.39 20.23 4.42
CA GLU B 300 -38.86 19.13 5.32
C GLU B 300 -37.96 19.09 6.56
N ASN B 301 -37.28 17.98 6.81
CA ASN B 301 -36.40 17.88 7.93
C ASN B 301 -36.88 18.30 9.31
N THR B 302 -37.88 17.61 9.83
CA THR B 302 -38.33 17.77 11.20
C THR B 302 -37.47 16.91 12.12
N GLY B 303 -36.74 15.96 11.54
CA GLY B 303 -35.89 15.09 12.27
C GLY B 303 -36.41 13.71 12.55
N GLU B 304 -37.68 13.45 12.38
CA GLU B 304 -38.25 12.13 12.69
C GLU B 304 -37.60 11.05 11.82
N ILE B 305 -37.55 11.28 10.51
CA ILE B 305 -37.08 10.24 9.60
C ILE B 305 -35.57 10.09 9.68
N LEU B 306 -34.84 11.21 9.64
CA LEU B 306 -33.38 11.11 9.74
C LEU B 306 -32.94 10.57 11.10
N GLY B 307 -33.66 10.91 12.17
CA GLY B 307 -33.40 10.29 13.46
C GLY B 307 -33.52 8.78 13.42
N LYS B 308 -34.62 8.28 12.84
CA LYS B 308 -34.73 6.81 12.73
C LYS B 308 -33.63 6.23 11.84
N CYS B 309 -33.26 6.90 10.75
CA CYS B 309 -32.15 6.40 9.92
C CYS B 309 -30.87 6.28 10.72
N ARG B 310 -30.57 7.27 11.57
CA ARG B 310 -29.34 7.21 12.35
C ARG B 310 -29.39 6.05 13.34
N GLU B 311 -30.54 5.83 13.96
CA GLU B 311 -30.72 4.67 14.83
C GLU B 311 -30.45 3.38 14.06
N LEU B 312 -31.05 3.25 12.88
CA LEU B 312 -30.88 2.04 12.09
C LEU B 312 -29.42 1.85 11.68
N LYS B 313 -28.74 2.95 11.36
CA LYS B 313 -27.33 2.85 10.98
C LYS B 313 -26.51 2.32 12.14
N THR B 314 -26.72 2.87 13.34
CA THR B 314 -25.97 2.38 14.50
C THR B 314 -26.21 0.89 14.71
N MET B 315 -27.49 0.48 14.67
CA MET B 315 -27.82 -0.93 14.88
C MET B 315 -27.13 -1.81 13.85
N LEU B 316 -27.16 -1.41 12.57
CA LEU B 316 -26.57 -2.25 11.54
C LEU B 316 -25.06 -2.30 11.65
N GLU B 317 -24.43 -1.18 12.00
CA GLU B 317 -22.98 -1.16 12.17
C GLU B 317 -22.52 -2.04 13.32
N LYS B 318 -23.38 -2.24 14.33
CA LYS B 318 -23.02 -3.20 15.37
C LYS B 318 -22.95 -4.63 14.84
N ALA B 319 -23.69 -4.97 13.77
CA ALA B 319 -23.58 -6.27 13.12
C ALA B 319 -22.50 -6.32 12.03
N ASP B 320 -21.59 -5.33 12.03
CA ASP B 320 -20.46 -5.26 11.10
C ASP B 320 -20.88 -4.99 9.66
N ILE B 321 -22.04 -4.34 9.47
CA ILE B 321 -22.52 -3.96 8.15
C ILE B 321 -22.01 -2.55 7.84
N ARG B 322 -21.52 -2.37 6.62
CA ARG B 322 -21.06 -1.07 6.16
C ARG B 322 -22.25 -0.31 5.61
N VAL B 323 -22.57 0.83 6.22
CA VAL B 323 -23.84 1.54 5.99
C VAL B 323 -23.51 3.00 5.71
N ARG B 324 -24.25 3.63 4.78
CA ARG B 324 -24.13 5.06 4.47
C ARG B 324 -25.51 5.72 4.20
N ILE B 325 -25.94 6.67 5.06
CA ILE B 325 -27.23 7.35 4.88
C ILE B 325 -27.01 8.44 3.85
N ASP B 326 -27.77 8.40 2.75
CA ASP B 326 -27.72 9.48 1.75
C ASP B 326 -28.75 10.52 2.17
N ASP B 327 -28.32 11.41 3.05
CA ASP B 327 -29.17 12.50 3.54
C ASP B 327 -28.92 13.80 2.80
N ARG B 328 -28.39 13.73 1.58
CA ARG B 328 -28.15 14.94 0.81
C ARG B 328 -29.46 15.60 0.41
N SER B 329 -29.60 16.88 0.73
CA SER B 329 -30.80 17.59 0.35
C SER B 329 -30.84 17.83 -1.16
N ASN B 330 -32.04 18.17 -1.64
CA ASN B 330 -32.28 18.65 -3.00
C ASN B 330 -32.02 17.60 -4.07
N TYR B 331 -32.03 16.31 -3.70
CA TYR B 331 -32.17 15.19 -4.63
C TYR B 331 -33.46 14.45 -4.28
N THR B 332 -34.22 14.04 -5.30
CA THR B 332 -35.40 13.25 -5.00
C THR B 332 -35.01 11.83 -4.59
N PRO B 333 -35.92 11.14 -3.89
CA PRO B 333 -35.64 9.72 -3.58
C PRO B 333 -35.35 8.89 -4.82
N GLY B 334 -36.09 9.09 -5.92
CA GLY B 334 -35.83 8.31 -7.12
C GLY B 334 -34.46 8.58 -7.72
N TRP B 335 -34.04 9.85 -7.68
CA TRP B 335 -32.67 10.17 -8.09
C TRP B 335 -31.67 9.37 -7.28
N LYS B 336 -31.88 9.28 -5.97
CA LYS B 336 -30.93 8.56 -5.12
C LYS B 336 -30.97 7.05 -5.39
N TYR B 337 -32.17 6.49 -5.56
CA TYR B 337 -32.28 5.07 -5.92
C TYR B 337 -31.43 4.77 -7.14
N ASN B 338 -31.57 5.58 -8.19
CA ASN B 338 -30.82 5.32 -9.42
C ASN B 338 -29.33 5.56 -9.22
N HIS B 339 -28.97 6.62 -8.48
CA HIS B 339 -27.56 6.90 -8.19
C HIS B 339 -26.86 5.70 -7.55
N TRP B 340 -27.44 5.18 -6.47
CA TRP B 340 -26.78 4.09 -5.75
C TRP B 340 -26.88 2.75 -6.51
N GLU B 341 -27.93 2.57 -7.33
CA GLU B 341 -27.97 1.38 -8.20
C GLU B 341 -26.85 1.41 -9.22
N VAL B 342 -26.62 2.57 -9.84
CA VAL B 342 -25.53 2.70 -10.80
C VAL B 342 -24.20 2.41 -10.13
N LYS B 343 -24.05 2.83 -8.86
CA LYS B 343 -22.83 2.53 -8.11
C LYS B 343 -22.74 1.06 -7.70
N GLY B 344 -23.84 0.32 -7.72
CA GLY B 344 -23.80 -1.10 -7.45
C GLY B 344 -23.93 -1.52 -6.01
N VAL B 345 -24.39 -0.63 -5.13
CA VAL B 345 -24.60 -1.01 -3.72
C VAL B 345 -25.56 -2.18 -3.66
N PRO B 346 -25.24 -3.26 -2.94
CA PRO B 346 -26.05 -4.47 -3.06
C PRO B 346 -27.42 -4.37 -2.38
N LEU B 347 -27.57 -3.54 -1.39
CA LEU B 347 -28.85 -3.36 -0.76
C LEU B 347 -29.22 -1.90 -0.49
N ARG B 348 -30.44 -1.51 -0.76
CA ARG B 348 -30.91 -0.20 -0.38
C ARG B 348 -32.06 -0.34 0.57
N LEU B 349 -32.09 0.49 1.59
CA LEU B 349 -33.09 0.50 2.59
C LEU B 349 -33.84 1.84 2.54
N GLU B 350 -35.12 1.77 2.23
CA GLU B 350 -35.96 2.94 2.09
C GLU B 350 -36.73 3.15 3.39
N LEU B 351 -36.73 4.40 3.87
CA LEU B 351 -37.41 4.77 5.11
C LEU B 351 -38.17 6.06 4.85
N GLY B 352 -39.49 5.94 4.71
CA GLY B 352 -40.36 7.09 4.57
C GLY B 352 -41.38 7.18 5.68
N PRO B 353 -42.30 8.15 5.57
CA PRO B 353 -43.34 8.29 6.60
C PRO B 353 -44.16 7.03 6.83
N LYS B 354 -44.58 6.35 5.76
CA LYS B 354 -45.36 5.13 5.92
C LYS B 354 -44.58 4.08 6.70
N ASP B 355 -43.28 3.96 6.42
CA ASP B 355 -42.45 2.98 7.13
C ASP B 355 -42.30 3.33 8.61
N LEU B 356 -42.09 4.61 8.90
CA LEU B 356 -42.07 5.08 10.29
C LEU B 356 -43.39 4.73 10.99
N ALA B 357 -44.52 4.93 10.31
CA ALA B 357 -45.80 4.69 10.93
C ALA B 357 -46.07 3.21 11.19
N LYS B 358 -45.43 2.29 10.44
CA LYS B 358 -45.69 0.88 10.63
C LYS B 358 -44.52 0.14 11.26
N GLY B 359 -43.40 0.83 11.55
CA GLY B 359 -42.29 0.19 12.21
C GLY B 359 -41.45 -0.72 11.33
N THR B 360 -41.52 -0.55 10.02
CA THR B 360 -40.78 -1.38 9.10
C THR B 360 -39.89 -0.52 8.20
N ALA B 361 -39.12 -1.20 7.35
CA ALA B 361 -38.36 -0.56 6.30
C ALA B 361 -38.46 -1.42 5.06
N ARG B 362 -38.27 -0.79 3.90
CA ARG B 362 -38.35 -1.53 2.65
C ARG B 362 -36.94 -1.70 2.10
N VAL B 363 -36.53 -2.93 1.84
CA VAL B 363 -35.18 -3.24 1.41
C VAL B 363 -35.22 -3.82 0.00
N VAL B 364 -34.42 -3.28 -0.90
CA VAL B 364 -34.37 -3.73 -2.29
C VAL B 364 -32.97 -4.25 -2.59
N ARG B 365 -32.87 -5.48 -3.07
CA ARG B 365 -31.57 -6.02 -3.43
C ARG B 365 -31.24 -5.67 -4.87
N ARG B 366 -29.97 -5.34 -5.11
CA ARG B 366 -29.56 -4.77 -6.38
C ARG B 366 -29.56 -5.82 -7.50
N ASP B 367 -29.14 -7.06 -7.19
CA ASP B 367 -28.95 -8.05 -8.23
C ASP B 367 -30.27 -8.47 -8.89
N THR B 368 -31.33 -8.65 -8.10
CA THR B 368 -32.62 -9.08 -8.67
C THR B 368 -33.71 -8.03 -8.64
N GLY B 369 -33.56 -6.96 -7.86
CA GLY B 369 -34.63 -5.98 -7.72
C GLY B 369 -35.73 -6.40 -6.77
N GLU B 370 -35.59 -7.54 -6.10
CA GLU B 370 -36.62 -8.02 -5.18
C GLU B 370 -36.69 -7.13 -3.94
N ALA B 371 -37.90 -6.82 -3.51
CA ALA B 371 -38.13 -5.96 -2.35
C ALA B 371 -38.67 -6.76 -1.17
N TYR B 372 -38.29 -6.33 0.03
CA TYR B 372 -38.66 -6.98 1.29
C TYR B 372 -39.16 -5.92 2.26
N GLN B 373 -40.23 -6.24 2.97
CA GLN B 373 -40.69 -5.42 4.08
C GLN B 373 -40.19 -6.06 5.38
N ILE B 374 -39.34 -5.35 6.11
CA ILE B 374 -38.64 -5.94 7.25
C ILE B 374 -38.89 -5.09 8.48
N SER B 375 -39.28 -5.74 9.58
CA SER B 375 -39.42 -5.06 10.85
C SER B 375 -38.05 -4.59 11.32
N TRP B 376 -38.01 -3.40 11.95
CA TRP B 376 -36.74 -2.85 12.39
C TRP B 376 -35.94 -3.85 13.22
N ALA B 377 -36.63 -4.55 14.14
CA ALA B 377 -35.95 -5.53 14.97
C ALA B 377 -35.30 -6.62 14.14
N ASP B 378 -35.92 -7.01 13.02
CA ASP B 378 -35.37 -8.05 12.17
C ASP B 378 -34.36 -7.54 11.14
N LEU B 379 -33.99 -6.25 11.16
CA LEU B 379 -33.17 -5.73 10.07
C LEU B 379 -31.79 -6.39 10.02
N ALA B 380 -31.07 -6.41 11.15
CA ALA B 380 -29.69 -6.89 11.12
C ALA B 380 -29.57 -8.34 10.67
N PRO B 381 -30.29 -9.31 11.25
CA PRO B 381 -30.13 -10.69 10.74
C PRO B 381 -30.59 -10.84 9.30
N LYS B 382 -31.77 -10.32 8.96
CA LYS B 382 -32.27 -10.45 7.59
C LYS B 382 -31.26 -9.92 6.57
N LEU B 383 -30.70 -8.74 6.84
CA LEU B 383 -29.74 -8.15 5.91
C LEU B 383 -28.51 -9.02 5.79
N LEU B 384 -28.00 -9.53 6.91
CA LEU B 384 -26.86 -10.44 6.84
C LEU B 384 -27.19 -11.62 5.94
N GLU B 385 -28.38 -12.20 6.15
CA GLU B 385 -28.79 -13.33 5.33
C GLU B 385 -28.80 -12.93 3.86
N LEU B 386 -29.41 -11.77 3.56
CA LEU B 386 -29.56 -11.36 2.18
C LEU B 386 -28.19 -11.18 1.55
N MET B 387 -27.26 -10.66 2.29
CA MET B 387 -25.92 -10.45 1.80
C MET B 387 -25.23 -11.73 1.39
N GLU B 388 -25.36 -12.76 2.19
CA GLU B 388 -24.81 -14.06 1.85
C GLU B 388 -25.47 -14.59 0.62
N GLY B 389 -26.78 -14.44 0.53
CA GLY B 389 -27.46 -14.84 -0.65
C GLY B 389 -27.08 -14.11 -1.90
N ILE B 390 -26.90 -12.82 -1.82
CA ILE B 390 -26.51 -12.07 -3.01
C ILE B 390 -25.14 -12.52 -3.48
N GLN B 391 -24.17 -12.51 -2.57
CA GLN B 391 -22.84 -13.01 -2.87
C GLN B 391 -22.90 -14.38 -3.54
N ARG B 392 -23.60 -15.34 -2.90
CA ARG B 392 -23.65 -16.68 -3.46
C ARG B 392 -24.31 -16.67 -4.84
N SER B 393 -25.42 -15.92 -4.96
CA SER B 393 -26.16 -15.95 -6.22
C SER B 393 -25.32 -15.34 -7.32
N LEU B 394 -24.54 -14.28 -6.99
CA LEU B 394 -23.72 -13.65 -8.01
C LEU B 394 -22.71 -14.66 -8.53
N PHE B 395 -22.14 -15.45 -7.63
CA PHE B 395 -21.14 -16.40 -8.06
C PHE B 395 -21.76 -17.51 -8.90
N GLU B 396 -22.93 -18.04 -8.47
CA GLU B 396 -23.48 -19.20 -9.17
C GLU B 396 -23.95 -18.82 -10.57
N LYS B 397 -24.57 -17.66 -10.71
CA LYS B 397 -24.97 -17.22 -12.04
C LYS B 397 -23.75 -17.05 -12.92
N ALA B 398 -22.69 -16.44 -12.38
CA ALA B 398 -21.50 -16.26 -13.20
C ALA B 398 -20.88 -17.61 -13.53
N LYS B 399 -20.95 -18.56 -12.58
CA LYS B 399 -20.36 -19.86 -12.88
C LYS B 399 -21.13 -20.52 -14.02
N ALA B 400 -22.47 -20.38 -13.99
CA ALA B 400 -23.28 -20.97 -15.05
C ALA B 400 -22.95 -20.34 -16.38
N ARG B 401 -22.72 -19.01 -16.39
CA ARG B 401 -22.41 -18.38 -17.66
C ARG B 401 -21.09 -18.89 -18.19
N LEU B 402 -20.11 -19.09 -17.28
CA LEU B 402 -18.83 -19.62 -17.72
C LEU B 402 -19.02 -20.98 -18.38
N HIS B 403 -19.82 -21.85 -17.76
CA HIS B 403 -19.98 -23.19 -18.31
CA HIS B 403 -20.01 -23.19 -18.29
C HIS B 403 -20.70 -23.13 -19.65
N GLU B 404 -21.63 -22.18 -19.82
CA GLU B 404 -22.30 -22.11 -21.11
C GLU B 404 -21.43 -21.44 -22.17
N GLY B 405 -20.34 -20.79 -21.78
CA GLY B 405 -19.51 -20.18 -22.80
C GLY B 405 -18.38 -21.05 -23.30
N ILE B 406 -18.29 -22.30 -22.87
CA ILE B 406 -17.22 -23.20 -23.27
C ILE B 406 -17.85 -24.35 -24.05
N GLU B 407 -17.39 -24.55 -25.28
CA GLU B 407 -17.84 -25.65 -26.13
C GLU B 407 -16.74 -26.68 -26.24
N LYS B 408 -17.04 -27.92 -25.88
CA LYS B 408 -16.08 -29.01 -26.02
C LYS B 408 -16.17 -29.57 -27.43
N ILE B 409 -15.07 -29.51 -28.18
CA ILE B 409 -15.07 -29.85 -29.60
C ILE B 409 -14.04 -30.96 -29.83
N SER B 410 -14.04 -31.49 -31.06
CA SER B 410 -13.05 -32.50 -31.42
C SER B 410 -12.29 -32.21 -32.71
N THR B 411 -12.80 -31.36 -33.60
CA THR B 411 -12.13 -31.12 -34.87
C THR B 411 -12.14 -29.63 -35.19
N PHE B 412 -11.21 -29.23 -36.07
CA PHE B 412 -11.01 -27.81 -36.31
C PHE B 412 -12.18 -27.17 -37.00
N ASP B 413 -12.95 -27.93 -37.78
CA ASP B 413 -14.12 -27.37 -38.46
C ASP B 413 -15.13 -26.79 -37.48
N GLU B 414 -15.05 -27.16 -36.19
CA GLU B 414 -15.96 -26.63 -35.20
C GLU B 414 -15.48 -25.33 -34.57
N VAL B 415 -14.25 -24.89 -34.88
CA VAL B 415 -13.66 -23.74 -34.20
C VAL B 415 -14.41 -22.47 -34.57
N MET B 416 -14.40 -22.10 -35.85
CA MET B 416 -14.96 -20.81 -36.24
C MET B 416 -16.44 -20.68 -35.88
N PRO B 417 -17.30 -21.70 -36.03
CA PRO B 417 -18.66 -21.54 -35.50
C PRO B 417 -18.70 -21.22 -34.02
N ALA B 418 -17.91 -21.93 -33.21
CA ALA B 418 -17.93 -21.67 -31.77
C ALA B 418 -17.42 -20.27 -31.44
N LEU B 419 -16.38 -19.82 -32.14
CA LEU B 419 -15.90 -18.47 -31.92
C LEU B 419 -16.94 -17.44 -32.36
N ASN B 420 -17.77 -17.78 -33.35
CA ASN B 420 -18.78 -16.82 -33.80
C ASN B 420 -19.93 -16.70 -32.82
N ARG B 421 -20.17 -17.72 -32.00
CA ARG B 421 -21.09 -17.67 -30.88
C ARG B 421 -20.46 -17.02 -29.65
N LYS B 422 -19.29 -16.39 -29.81
CA LYS B 422 -18.58 -15.77 -28.70
C LYS B 422 -18.32 -16.76 -27.56
N HIS B 423 -17.83 -17.95 -27.92
CA HIS B 423 -17.52 -18.99 -26.96
C HIS B 423 -16.03 -19.34 -27.00
N LEU B 424 -15.57 -19.95 -25.91
CA LEU B 424 -14.29 -20.62 -25.86
C LEU B 424 -14.47 -22.04 -26.36
N VAL B 425 -13.37 -22.70 -26.72
CA VAL B 425 -13.41 -24.10 -27.09
C VAL B 425 -12.44 -24.89 -26.23
N LEU B 426 -12.90 -26.04 -25.76
CA LEU B 426 -12.05 -27.04 -25.13
C LEU B 426 -11.82 -28.15 -26.14
N ALA B 427 -10.58 -28.36 -26.55
CA ALA B 427 -10.28 -29.26 -27.65
C ALA B 427 -9.05 -30.10 -27.31
N PRO B 428 -9.00 -31.35 -27.79
CA PRO B 428 -7.79 -32.16 -27.57
C PRO B 428 -6.66 -31.62 -28.42
N TRP B 429 -5.48 -31.50 -27.81
CA TRP B 429 -4.35 -30.84 -28.43
C TRP B 429 -3.08 -31.64 -28.22
N CYS B 430 -2.27 -31.72 -29.30
CA CYS B 430 -0.94 -32.32 -29.36
C CYS B 430 0.08 -31.52 -28.55
N GLU B 431 -0.21 -30.26 -28.21
CA GLU B 431 0.68 -29.40 -27.43
C GLU B 431 1.99 -29.10 -28.15
N ASP B 432 2.06 -29.29 -29.46
CA ASP B 432 3.29 -28.86 -30.11
C ASP B 432 3.27 -27.35 -30.34
N PRO B 433 4.37 -26.64 -30.04
CA PRO B 433 4.33 -25.17 -30.07
C PRO B 433 4.11 -24.58 -31.46
N GLU B 434 4.62 -25.20 -32.52
CA GLU B 434 4.41 -24.68 -33.86
C GLU B 434 2.93 -24.66 -34.23
N SER B 435 2.17 -25.67 -33.78
CA SER B 435 0.76 -25.72 -34.13
C SER B 435 -0.02 -24.58 -33.49
N GLU B 436 0.42 -24.06 -32.33
CA GLU B 436 -0.31 -22.94 -31.74
C GLU B 436 -0.16 -21.73 -32.66
N GLU B 437 1.04 -21.47 -33.16
CA GLU B 437 1.19 -20.34 -34.05
C GLU B 437 0.38 -20.53 -35.30
N GLN B 438 0.37 -21.72 -35.82
CA GLN B 438 -0.42 -22.01 -36.98
C GLN B 438 -1.83 -21.75 -36.75
N ILE B 439 -2.30 -22.15 -35.59
CA ILE B 439 -3.72 -22.00 -35.30
C ILE B 439 -4.08 -20.53 -35.14
N LYS B 440 -3.18 -19.77 -34.58
CA LYS B 440 -3.43 -18.38 -34.44
C LYS B 440 -3.53 -17.74 -35.79
N LYS B 441 -2.61 -18.04 -36.64
CA LYS B 441 -2.63 -17.46 -37.96
C LYS B 441 -3.81 -17.89 -38.78
N GLU B 442 -4.12 -19.17 -38.76
CA GLU B 442 -5.21 -19.71 -39.53
C GLU B 442 -6.50 -19.14 -39.03
N THR B 443 -6.70 -18.97 -37.74
CA THR B 443 -7.94 -18.36 -37.27
C THR B 443 -7.99 -16.88 -37.56
N GLN B 444 -6.86 -16.25 -37.57
CA GLN B 444 -6.83 -14.86 -37.86
C GLN B 444 -7.28 -14.61 -39.30
N LYS B 445 -6.80 -15.43 -40.20
CA LYS B 445 -7.15 -15.33 -41.60
C LYS B 445 -8.56 -15.60 -41.83
N LEU B 446 -9.05 -16.71 -41.35
CA LEU B 446 -10.47 -17.02 -41.50
C LEU B 446 -11.34 -15.90 -40.94
N SER B 447 -10.91 -15.28 -39.89
CA SER B 447 -11.68 -14.23 -39.30
C SER B 447 -11.77 -13.05 -40.20
N GLU B 448 -10.66 -12.75 -40.85
CA GLU B 448 -10.61 -11.61 -41.74
C GLU B 448 -11.52 -11.78 -42.90
N ILE B 449 -11.48 -12.96 -43.47
CA ILE B 449 -12.28 -13.27 -44.61
C ILE B 449 -13.75 -13.12 -44.31
N GLN B 450 -14.20 -13.56 -43.15
CA GLN B 450 -15.56 -13.35 -42.76
C GLN B 450 -15.76 -11.87 -42.59
N ALA B 451 -14.80 -11.18 -42.00
CA ALA B 451 -14.93 -9.77 -41.71
C ALA B 451 -15.11 -8.91 -42.91
N ILE B 452 -14.46 -9.26 -44.00
CA ILE B 452 -14.57 -8.47 -45.19
C ILE B 452 -16.03 -8.43 -45.63
N GLU B 453 -16.75 -9.56 -45.60
CA GLU B 453 -18.15 -9.59 -45.97
C GLU B 453 -19.01 -8.65 -45.14
N GLY B 463 -8.56 -10.85 -33.59
CA GLY B 463 -9.31 -11.85 -34.32
C GLY B 463 -8.71 -13.24 -34.29
N ALA B 464 -7.47 -13.34 -33.84
CA ALA B 464 -6.83 -14.65 -33.70
C ALA B 464 -7.28 -15.34 -32.42
N MET B 465 -7.31 -16.66 -32.47
CA MET B 465 -7.59 -17.48 -31.30
C MET B 465 -6.28 -18.07 -30.81
N LYS B 466 -6.06 -18.06 -29.50
CA LYS B 466 -4.85 -18.62 -28.92
C LYS B 466 -5.24 -19.50 -27.75
N THR B 467 -4.26 -20.24 -27.20
CA THR B 467 -4.52 -20.99 -25.98
C THR B 467 -4.70 -20.04 -24.81
N LEU B 468 -5.71 -20.32 -24.00
CA LEU B 468 -5.84 -19.63 -22.72
C LEU B 468 -5.15 -20.43 -21.65
N CYS B 469 -5.45 -21.73 -21.58
CA CYS B 469 -4.77 -22.52 -20.55
C CYS B 469 -5.04 -23.98 -20.85
N ILE B 470 -4.20 -24.84 -20.29
CA ILE B 470 -4.41 -26.29 -20.27
C ILE B 470 -4.96 -26.59 -18.88
N PRO B 471 -6.25 -26.84 -18.73
CA PRO B 471 -6.85 -26.90 -17.39
C PRO B 471 -6.27 -28.01 -16.54
N PHE B 472 -6.12 -27.72 -15.24
CA PHE B 472 -5.79 -28.78 -14.28
C PHE B 472 -6.84 -29.88 -14.31
N ASP B 473 -8.12 -29.51 -14.37
CA ASP B 473 -9.19 -30.51 -14.41
C ASP B 473 -9.31 -31.03 -15.83
N GLN B 474 -8.84 -32.25 -16.05
CA GLN B 474 -8.79 -32.82 -17.39
C GLN B 474 -9.91 -33.84 -17.54
N PRO B 475 -10.81 -33.69 -18.49
CA PRO B 475 -11.76 -34.76 -18.79
C PRO B 475 -11.02 -35.97 -19.31
N PRO B 476 -11.66 -37.14 -19.34
CA PRO B 476 -10.97 -38.33 -19.86
C PRO B 476 -10.61 -38.13 -21.31
N MET B 477 -9.48 -38.73 -21.70
CA MET B 477 -8.97 -38.68 -23.07
C MET B 477 -9.04 -40.09 -23.65
N PRO B 478 -10.06 -40.43 -24.46
CA PRO B 478 -10.12 -41.78 -25.03
C PRO B 478 -8.84 -42.13 -25.77
N GLU B 479 -8.43 -43.39 -25.63
CA GLU B 479 -7.22 -43.87 -26.30
C GLU B 479 -7.26 -43.54 -27.79
N GLY B 480 -6.18 -42.92 -28.29
CA GLY B 480 -6.07 -42.64 -29.70
C GLY B 480 -6.80 -41.40 -30.18
N THR B 481 -7.32 -40.59 -29.29
CA THR B 481 -7.91 -39.31 -29.68
C THR B 481 -6.88 -38.46 -30.41
N LYS B 482 -7.31 -37.84 -31.51
CA LYS B 482 -6.43 -37.06 -32.36
C LYS B 482 -6.51 -35.57 -32.02
N CYS B 483 -5.37 -34.89 -32.13
CA CYS B 483 -5.31 -33.44 -31.93
C CYS B 483 -6.23 -32.75 -32.93
N PHE B 484 -6.99 -31.77 -32.45
CA PHE B 484 -8.06 -31.21 -33.28
C PHE B 484 -7.53 -30.47 -34.50
N TYR B 485 -6.26 -30.10 -34.51
CA TYR B 485 -5.68 -29.35 -35.62
C TYR B 485 -4.71 -30.17 -36.46
N THR B 486 -3.82 -30.88 -35.85
CA THR B 486 -2.81 -31.57 -36.59
C THR B 486 -3.12 -32.98 -36.96
N GLY B 487 -4.00 -33.60 -36.23
CA GLY B 487 -4.35 -34.98 -36.45
C GLY B 487 -3.45 -35.97 -35.80
N LYS B 488 -2.48 -35.47 -35.09
CA LYS B 488 -1.54 -36.21 -34.36
C LYS B 488 -2.13 -36.59 -33.04
N PRO B 489 -1.50 -37.50 -32.36
CA PRO B 489 -2.05 -37.93 -31.11
C PRO B 489 -2.16 -36.76 -30.12
N ALA B 490 -3.32 -36.64 -29.53
CA ALA B 490 -3.57 -35.58 -28.59
C ALA B 490 -3.05 -35.91 -27.27
N LYS B 491 -2.54 -34.91 -26.61
CA LYS B 491 -2.05 -35.10 -25.25
C LYS B 491 -3.07 -34.65 -24.21
N ARG B 492 -3.51 -33.39 -24.28
CA ARG B 492 -4.38 -32.90 -23.21
C ARG B 492 -5.49 -32.05 -23.79
N TRP B 493 -6.57 -31.93 -23.05
CA TRP B 493 -7.63 -30.99 -23.39
C TRP B 493 -7.13 -29.57 -23.10
N THR B 494 -7.31 -28.67 -24.06
CA THR B 494 -6.77 -27.32 -23.96
C THR B 494 -7.90 -26.33 -24.23
N LEU B 495 -7.92 -25.26 -23.45
CA LEU B 495 -8.90 -24.18 -23.58
C LEU B 495 -8.31 -23.08 -24.45
N TRP B 496 -9.02 -22.77 -25.55
CA TRP B 496 -8.67 -21.79 -26.57
C TRP B 496 -9.77 -20.74 -26.67
N GLY B 497 -9.38 -19.56 -27.15
CA GLY B 497 -10.37 -18.56 -27.51
C GLY B 497 -9.71 -17.25 -27.88
N ARG B 498 -10.55 -16.32 -28.30
CA ARG B 498 -10.08 -14.94 -28.36
C ARG B 498 -9.83 -14.45 -26.94
N SER B 499 -8.96 -13.44 -26.83
CA SER B 499 -8.40 -13.09 -25.53
C SER B 499 -8.15 -11.60 -25.45
N TYR B 500 -8.03 -11.11 -24.22
CA TYR B 500 -7.51 -9.78 -23.92
C TYR B 500 -5.98 -9.85 -23.89
#